data_5U4H
#
_entry.id   5U4H
#
_cell.length_a   76.289
_cell.length_b   70.085
_cell.length_c   78.109
_cell.angle_alpha   90.00
_cell.angle_beta   110.05
_cell.angle_gamma   90.00
#
_symmetry.space_group_name_H-M   'P 1 21 1'
#
loop_
_entity.id
_entity.type
_entity.pdbx_description
1 polymer 'UDP-N-acetylglucosamine 1-carboxyvinyltransferase'
2 non-polymer 'SODIUM ION'
3 non-polymer 'FORMIC ACID'
4 non-polymer '(2R)-2-(phosphonooxy)propanoic acid'
5 water water
#
_entity_poly.entity_id   1
_entity_poly.type   'polypeptide(L)'
_entity_poly.pdbx_seq_one_letter_code
;SNAMDKFLITGGVKLEGEVRISGAKNAALPLLAAMILADSPITLTNVPNLKDVNTLVKLIGGLGVTISYENDTVKADTST
LDNQFAPYELVKTMRASILVLGPLLARYGNAKVSLPGGCAIGSRPVDQHLKALEALGAHIEVENGYVHATVDGRLKGGEV
VFDMVTVGGTENILMAAALADGVTTIRNAAREPEITDLAQMLIKMGAKIEGLDTDTLVVTGVESLHGCEYAVVADRIETG
SYLAAAAITGGRVKTTHTDPSLLEAVLDKFEEMGAEVTRGDDWIELDMLGKRPKAVSFRTLPHPEFPTDMQAQIMAVNAI
GRGFATISETIFENRFMHVPELSRMGANIQVEGHDAVVTGVEKLQAAPVMATDLRASFSLVLAALVAEGDTLIDRIYHID
RGYEHVEEKLQGLGAKIKRVS
;
_entity_poly.pdbx_strand_id   A,B
#
loop_
_chem_comp.id
_chem_comp.type
_chem_comp.name
_chem_comp.formula
0V5 non-polymer '(2R)-2-(phosphonooxy)propanoic acid' 'C3 H7 O6 P'
FMT non-polymer 'FORMIC ACID' 'C H2 O2'
NA non-polymer 'SODIUM ION' 'Na 1'
#
# COMPACT_ATOMS: atom_id res chain seq x y z
N ASN A 2 -16.23 -0.64 -9.28
CA ASN A 2 -16.25 -1.85 -10.16
C ASN A 2 -15.17 -2.84 -9.72
N ALA A 3 -15.13 -3.11 -8.41
CA ALA A 3 -14.10 -3.94 -7.80
C ALA A 3 -13.87 -5.32 -8.43
N MET A 4 -14.90 -5.93 -9.01
CA MET A 4 -14.69 -7.27 -9.60
C MET A 4 -14.48 -7.36 -11.11
N ASP A 5 -14.43 -6.22 -11.84
CA ASP A 5 -14.04 -6.30 -13.24
C ASP A 5 -12.63 -6.92 -13.36
N LYS A 6 -12.43 -7.70 -14.42
N LYS A 6 -12.43 -7.73 -14.41
CA LYS A 6 -11.14 -8.27 -14.74
CA LYS A 6 -11.15 -8.34 -14.72
C LYS A 6 -10.86 -8.11 -16.22
C LYS A 6 -10.88 -8.23 -16.21
N PHE A 7 -9.60 -8.21 -16.59
CA PHE A 7 -9.23 -8.33 -18.00
C PHE A 7 -8.70 -9.74 -18.26
N LEU A 8 -9.09 -10.30 -19.40
N LEU A 8 -9.11 -10.31 -19.39
CA LEU A 8 -8.60 -11.58 -19.89
CA LEU A 8 -8.61 -11.56 -19.92
C LEU A 8 -7.85 -11.27 -21.19
C LEU A 8 -7.81 -11.15 -21.15
N ILE A 9 -6.54 -11.51 -21.18
CA ILE A 9 -5.68 -11.16 -22.32
C ILE A 9 -4.89 -12.37 -22.79
N THR A 10 -4.85 -12.57 -24.11
CA THR A 10 -3.99 -13.57 -24.70
C THR A 10 -2.79 -12.80 -25.27
N GLY A 11 -1.59 -13.13 -24.83
CA GLY A 11 -0.42 -12.41 -25.31
C GLY A 11 0.10 -12.91 -26.64
N GLY A 12 1.06 -12.17 -27.21
CA GLY A 12 1.76 -12.65 -28.38
C GLY A 12 1.46 -12.00 -29.71
N VAL A 13 0.53 -11.04 -29.73
CA VAL A 13 0.21 -10.32 -30.94
C VAL A 13 1.12 -9.12 -31.07
N LYS A 14 1.74 -8.97 -32.25
CA LYS A 14 2.54 -7.79 -32.56
C LYS A 14 1.52 -6.69 -32.84
N LEU A 15 1.44 -5.69 -31.97
CA LEU A 15 0.41 -4.68 -32.08
C LEU A 15 0.72 -3.68 -33.19
N GLU A 16 -0.29 -3.26 -33.93
CA GLU A 16 -0.11 -2.36 -35.04
C GLU A 16 -1.35 -1.53 -35.25
N GLY A 17 -1.16 -0.23 -35.35
CA GLY A 17 -2.28 0.67 -35.65
C GLY A 17 -2.13 2.03 -35.07
N GLU A 18 -3.24 2.71 -34.88
N GLU A 18 -3.26 2.70 -34.94
CA GLU A 18 -3.24 4.06 -34.31
CA GLU A 18 -3.35 4.08 -34.52
C GLU A 18 -4.16 4.15 -33.11
C GLU A 18 -4.30 4.20 -33.32
N VAL A 19 -3.85 5.11 -32.24
N VAL A 19 -3.91 5.03 -32.34
N VAL A 19 -3.94 5.06 -32.55
CA VAL A 19 -4.62 5.42 -31.04
CA VAL A 19 -4.80 5.37 -31.23
CA VAL A 19 -4.81 5.35 -31.42
C VAL A 19 -4.82 6.92 -30.93
C VAL A 19 -4.86 6.88 -31.11
C VAL A 19 -4.87 6.87 -31.18
N ARG A 20 -6.08 7.37 -30.84
CA ARG A 20 -6.33 8.78 -30.59
C ARG A 20 -6.14 9.02 -29.08
N ILE A 21 -5.25 9.93 -28.74
CA ILE A 21 -4.98 10.27 -27.36
C ILE A 21 -6.04 11.22 -26.84
N SER A 22 -6.48 10.93 -25.62
CA SER A 22 -7.49 11.72 -24.95
C SER A 22 -6.87 12.88 -24.15
N GLY A 23 -7.72 13.76 -23.63
CA GLY A 23 -7.22 14.81 -22.77
C GLY A 23 -6.57 14.23 -21.51
N ALA A 24 -5.59 14.94 -21.00
CA ALA A 24 -4.84 14.50 -19.83
C ALA A 24 -5.70 14.42 -18.59
N LYS A 25 -5.74 13.23 -17.99
CA LYS A 25 -6.41 13.09 -16.70
C LYS A 25 -5.87 14.12 -15.71
N ASN A 26 -4.54 14.26 -15.69
CA ASN A 26 -3.89 15.14 -14.74
C ASN A 26 -4.06 16.63 -15.01
N ALA A 27 -4.52 17.00 -16.20
CA ALA A 27 -4.91 18.39 -16.47
C ALA A 27 -6.41 18.56 -16.25
N ALA A 28 -7.22 17.57 -16.62
CA ALA A 28 -8.65 17.72 -16.46
C ALA A 28 -9.02 18.03 -15.02
N LEU A 29 -8.35 17.40 -14.04
CA LEU A 29 -8.76 17.60 -12.65
C LEU A 29 -8.54 19.06 -12.18
N PRO A 30 -7.33 19.64 -12.34
CA PRO A 30 -7.20 21.04 -11.93
C PRO A 30 -8.04 21.99 -12.78
N LEU A 31 -8.21 21.69 -14.07
CA LEU A 31 -9.05 22.56 -14.92
C LEU A 31 -10.51 22.54 -14.43
N LEU A 32 -11.01 21.36 -14.03
CA LEU A 32 -12.35 21.28 -13.47
C LEU A 32 -12.46 22.13 -12.21
N ALA A 33 -11.49 21.98 -11.30
CA ALA A 33 -11.49 22.78 -10.08
C ALA A 33 -11.49 24.28 -10.40
N ALA A 34 -10.75 24.67 -11.44
CA ALA A 34 -10.64 26.08 -11.81
C ALA A 34 -11.97 26.66 -12.27
N MET A 35 -12.90 25.80 -12.72
N MET A 35 -12.90 25.81 -12.71
CA MET A 35 -14.21 26.29 -13.12
CA MET A 35 -14.21 26.32 -13.09
C MET A 35 -14.93 27.01 -11.97
C MET A 35 -14.90 27.06 -11.97
N ILE A 36 -14.59 26.67 -10.72
CA ILE A 36 -15.16 27.33 -9.56
C ILE A 36 -14.90 28.84 -9.58
N LEU A 37 -13.81 29.25 -10.23
CA LEU A 37 -13.43 30.66 -10.31
C LEU A 37 -14.24 31.47 -11.33
N ALA A 38 -14.90 30.79 -12.28
CA ALA A 38 -15.51 31.47 -13.43
C ALA A 38 -16.79 32.19 -13.08
N ASP A 39 -16.87 33.49 -13.39
CA ASP A 39 -18.07 34.28 -13.10
C ASP A 39 -19.07 34.29 -14.24
N SER A 40 -18.81 33.51 -15.28
CA SER A 40 -19.74 33.29 -16.37
C SER A 40 -19.57 31.84 -16.81
N PRO A 41 -20.50 31.30 -17.61
CA PRO A 41 -20.42 29.88 -17.94
C PRO A 41 -19.09 29.47 -18.57
N ILE A 42 -18.63 28.29 -18.21
CA ILE A 42 -17.35 27.77 -18.68
C ILE A 42 -17.53 26.38 -19.26
N THR A 43 -16.81 26.13 -20.36
CA THR A 43 -16.89 24.86 -21.08
C THR A 43 -15.52 24.28 -21.29
N LEU A 44 -15.34 23.02 -20.86
N LEU A 44 -15.36 23.00 -20.94
CA LEU A 44 -14.11 22.29 -21.14
CA LEU A 44 -14.09 22.32 -21.10
C LEU A 44 -14.42 21.23 -22.17
C LEU A 44 -14.28 21.13 -22.03
N THR A 45 -13.52 21.08 -23.13
CA THR A 45 -13.64 20.02 -24.13
C THR A 45 -12.39 19.15 -24.07
N ASN A 46 -12.43 18.04 -24.81
CA ASN A 46 -11.38 17.01 -24.77
C ASN A 46 -11.24 16.42 -23.36
N VAL A 47 -12.35 16.33 -22.63
CA VAL A 47 -12.33 15.77 -21.29
C VAL A 47 -12.51 14.25 -21.36
N PRO A 48 -11.56 13.50 -20.79
CA PRO A 48 -11.64 12.04 -20.86
C PRO A 48 -12.67 11.49 -19.85
N ASN A 49 -13.39 10.43 -20.23
CA ASN A 49 -14.45 9.83 -19.39
C ASN A 49 -13.79 8.83 -18.46
N LEU A 50 -13.31 9.37 -17.34
CA LEU A 50 -12.54 8.67 -16.34
C LEU A 50 -13.21 8.75 -15.02
N LYS A 51 -12.95 7.77 -14.15
N LYS A 51 -12.95 7.76 -14.18
CA LYS A 51 -13.57 7.78 -12.83
CA LYS A 51 -13.48 7.73 -12.82
C LYS A 51 -13.22 9.08 -12.08
C LYS A 51 -13.20 9.03 -12.06
N ASP A 52 -11.97 9.51 -12.15
CA ASP A 52 -11.57 10.71 -11.39
C ASP A 52 -12.28 11.97 -11.88
N VAL A 53 -12.47 12.06 -13.19
CA VAL A 53 -13.25 13.16 -13.77
C VAL A 53 -14.68 13.13 -13.24
N ASN A 54 -15.29 11.95 -13.27
CA ASN A 54 -16.65 11.84 -12.76
C ASN A 54 -16.74 12.20 -11.28
N THR A 55 -15.75 11.80 -10.48
CA THR A 55 -15.75 12.15 -9.08
C THR A 55 -15.69 13.66 -8.86
N LEU A 56 -14.85 14.33 -9.62
N LEU A 56 -14.80 14.36 -9.57
CA LEU A 56 -14.72 15.76 -9.43
CA LEU A 56 -14.72 15.84 -9.45
C LEU A 56 -15.97 16.49 -9.95
C LEU A 56 -15.97 16.54 -9.97
N VAL A 57 -16.56 16.01 -11.04
CA VAL A 57 -17.82 16.57 -11.54
C VAL A 57 -18.90 16.43 -10.44
N LYS A 58 -18.95 15.27 -9.79
CA LYS A 58 -19.89 15.03 -8.69
CA LYS A 58 -19.92 15.06 -8.70
C LYS A 58 -19.64 16.01 -7.54
N LEU A 59 -18.38 16.17 -7.17
N LEU A 59 -18.36 16.16 -7.20
CA LEU A 59 -18.03 17.08 -6.09
CA LEU A 59 -17.91 17.06 -6.14
C LEU A 59 -18.48 18.51 -6.41
C LEU A 59 -18.34 18.51 -6.38
N ILE A 60 -18.16 18.96 -7.62
CA ILE A 60 -18.51 20.32 -8.01
C ILE A 60 -20.04 20.50 -8.04
N GLY A 61 -20.75 19.52 -8.54
CA GLY A 61 -22.21 19.56 -8.50
C GLY A 61 -22.72 19.67 -7.06
N GLY A 62 -22.03 18.98 -6.14
CA GLY A 62 -22.39 19.03 -4.72
C GLY A 62 -22.21 20.38 -4.05
N LEU A 63 -21.44 21.27 -4.68
CA LEU A 63 -21.29 22.65 -4.23
C LEU A 63 -22.52 23.48 -4.65
N GLY A 64 -23.36 22.92 -5.50
CA GLY A 64 -24.50 23.64 -6.05
C GLY A 64 -24.28 24.17 -7.46
N VAL A 65 -23.05 24.07 -7.97
CA VAL A 65 -22.75 24.48 -9.34
C VAL A 65 -23.58 23.65 -10.31
N THR A 66 -24.17 24.32 -11.32
CA THR A 66 -24.90 23.59 -12.35
C THR A 66 -23.85 23.07 -13.31
N ILE A 67 -23.81 21.76 -13.47
CA ILE A 67 -22.77 21.15 -14.25
C ILE A 67 -23.30 19.96 -15.03
N SER A 68 -22.84 19.87 -16.27
CA SER A 68 -23.23 18.85 -17.21
C SER A 68 -21.96 18.22 -17.79
N TYR A 69 -21.93 16.90 -17.89
CA TYR A 69 -20.81 16.22 -18.55
C TYR A 69 -21.39 15.25 -19.56
N GLU A 70 -21.22 15.58 -20.85
CA GLU A 70 -21.72 14.77 -21.96
C GLU A 70 -20.64 14.66 -23.01
N ASN A 71 -20.43 13.45 -23.52
CA ASN A 71 -19.35 13.14 -24.45
C ASN A 71 -17.99 13.56 -23.86
N ASP A 72 -17.28 14.48 -24.51
CA ASP A 72 -16.00 14.94 -24.03
C ASP A 72 -16.11 16.35 -23.48
N THR A 73 -17.32 16.79 -23.11
CA THR A 73 -17.52 18.21 -22.79
C THR A 73 -18.18 18.43 -21.45
N VAL A 74 -17.54 19.25 -20.62
CA VAL A 74 -18.09 19.66 -19.34
C VAL A 74 -18.48 21.11 -19.44
N LYS A 75 -19.72 21.40 -19.07
CA LYS A 75 -20.21 22.77 -19.04
C LYS A 75 -20.62 23.06 -17.61
N ALA A 76 -20.23 24.22 -17.10
CA ALA A 76 -20.56 24.59 -15.72
C ALA A 76 -20.95 26.05 -15.61
N ASP A 77 -21.86 26.30 -14.68
CA ASP A 77 -22.30 27.64 -14.35
C ASP A 77 -22.34 27.74 -12.83
N THR A 78 -21.44 28.53 -12.28
CA THR A 78 -21.33 28.70 -10.86
C THR A 78 -22.38 29.64 -10.23
N SER A 79 -23.31 30.17 -11.03
N SER A 79 -23.29 30.18 -11.03
CA SER A 79 -24.34 31.07 -10.51
CA SER A 79 -24.30 31.08 -10.48
C SER A 79 -25.20 30.45 -9.43
C SER A 79 -25.06 30.43 -9.33
N THR A 80 -25.27 29.12 -9.43
CA THR A 80 -26.06 28.39 -8.45
C THR A 80 -25.24 27.82 -7.30
N LEU A 81 -23.92 28.05 -7.27
CA LEU A 81 -23.09 27.58 -6.16
C LEU A 81 -23.65 28.09 -4.84
N ASP A 82 -23.76 27.19 -3.87
CA ASP A 82 -24.38 27.54 -2.61
C ASP A 82 -23.59 27.09 -1.37
N ASN A 83 -22.52 26.31 -1.55
CA ASN A 83 -21.70 25.90 -0.42
C ASN A 83 -20.26 25.74 -0.89
N GLN A 84 -19.36 25.61 0.07
CA GLN A 84 -17.93 25.42 -0.19
C GLN A 84 -17.43 24.18 0.54
N PHE A 85 -18.19 23.10 0.45
CA PHE A 85 -17.94 21.89 1.23
C PHE A 85 -17.66 20.69 0.36
N ALA A 86 -16.51 20.03 0.62
CA ALA A 86 -16.12 18.81 -0.07
C ALA A 86 -16.14 17.67 0.95
N PRO A 87 -17.13 16.76 0.83
CA PRO A 87 -17.30 15.74 1.85
C PRO A 87 -16.27 14.63 1.85
N TYR A 88 -16.13 14.02 3.02
CA TYR A 88 -15.29 12.85 3.22
C TYR A 88 -15.39 11.81 2.13
N GLU A 89 -16.64 11.46 1.81
N GLU A 89 -16.56 11.42 1.68
CA GLU A 89 -17.02 10.34 0.90
CA GLU A 89 -16.52 10.37 0.67
C GLU A 89 -16.41 10.44 -0.48
C GLU A 89 -15.73 10.74 -0.59
N LEU A 90 -16.26 11.67 -0.98
N LEU A 90 -15.79 12.02 -0.99
CA LEU A 90 -15.63 11.90 -2.26
CA LEU A 90 -15.14 12.43 -2.23
C LEU A 90 -14.12 12.07 -2.09
C LEU A 90 -13.62 12.57 -2.14
N VAL A 91 -13.69 12.85 -1.10
N VAL A 91 -13.12 12.96 -0.97
CA VAL A 91 -12.26 13.09 -0.92
CA VAL A 91 -11.69 13.04 -0.79
C VAL A 91 -11.47 11.80 -0.65
C VAL A 91 -11.15 11.66 -0.48
N LYS A 92 -12.06 10.87 0.10
N LYS A 92 -11.95 10.86 0.22
CA LYS A 92 -11.42 9.57 0.34
CA LYS A 92 -11.47 9.54 0.54
C LYS A 92 -11.33 8.78 -0.99
C LYS A 92 -11.00 8.81 -0.69
N THR A 93 -12.19 9.13 -1.95
N THR A 93 -11.71 8.99 -1.80
CA THR A 93 -12.17 8.54 -3.30
CA THR A 93 -11.44 8.22 -3.02
C THR A 93 -10.90 8.99 -4.04
C THR A 93 -10.43 8.86 -3.95
N MET A 94 -10.51 10.26 -3.92
N MET A 94 -10.11 10.13 -3.72
CA MET A 94 -9.26 10.76 -4.57
CA MET A 94 -9.16 10.78 -4.61
C MET A 94 -8.71 12.03 -3.92
C MET A 94 -8.68 12.06 -3.99
N ARG A 95 -7.40 12.04 -3.65
CA ARG A 95 -6.70 13.19 -3.09
C ARG A 95 -6.94 14.46 -3.86
N ALA A 96 -7.00 14.35 -5.19
CA ALA A 96 -7.14 15.52 -6.05
C ALA A 96 -8.39 16.32 -5.80
N SER A 97 -9.36 15.77 -5.07
CA SER A 97 -10.50 16.56 -4.63
C SER A 97 -10.04 17.81 -3.86
N ILE A 98 -8.85 17.77 -3.24
CA ILE A 98 -8.31 18.92 -2.49
C ILE A 98 -8.09 20.13 -3.39
N LEU A 99 -8.05 19.96 -4.72
CA LEU A 99 -7.85 21.06 -5.64
C LEU A 99 -8.98 22.08 -5.62
N VAL A 100 -10.12 21.77 -5.01
CA VAL A 100 -11.16 22.78 -4.87
C VAL A 100 -10.86 23.75 -3.74
N LEU A 101 -9.92 23.41 -2.85
CA LEU A 101 -9.65 24.25 -1.69
C LEU A 101 -9.23 25.68 -2.09
N GLY A 102 -8.23 25.76 -2.95
CA GLY A 102 -7.72 27.05 -3.38
C GLY A 102 -8.76 27.96 -4.03
N PRO A 103 -9.48 27.47 -5.06
CA PRO A 103 -10.44 28.36 -5.71
C PRO A 103 -11.63 28.72 -4.83
N LEU A 104 -12.12 27.78 -4.01
CA LEU A 104 -13.23 28.12 -3.12
C LEU A 104 -12.82 29.21 -2.13
N LEU A 105 -11.66 29.04 -1.54
N LEU A 105 -11.65 29.04 -1.52
CA LEU A 105 -11.18 30.02 -0.58
CA LEU A 105 -11.11 30.03 -0.61
C LEU A 105 -10.96 31.40 -1.24
C LEU A 105 -11.00 31.39 -1.26
N ALA A 106 -10.35 31.41 -2.41
CA ALA A 106 -10.03 32.64 -3.09
C ALA A 106 -11.23 33.42 -3.58
N ARG A 107 -12.26 32.71 -4.04
CA ARG A 107 -13.43 33.37 -4.55
C ARG A 107 -14.48 33.66 -3.48
N TYR A 108 -14.69 32.73 -2.56
CA TYR A 108 -15.77 32.84 -1.57
C TYR A 108 -15.32 33.16 -0.16
N GLY A 109 -14.03 33.03 0.11
N GLY A 109 -14.02 33.07 0.11
CA GLY A 109 -13.47 33.31 1.44
CA GLY A 109 -13.48 33.46 1.42
C GLY A 109 -13.68 32.20 2.45
C GLY A 109 -13.43 32.39 2.48
N ASN A 110 -14.07 31.02 1.96
N ASN A 110 -13.93 31.21 2.14
CA ASN A 110 -14.41 29.90 2.81
CA ASN A 110 -13.93 30.10 3.09
C ASN A 110 -14.28 28.60 2.04
C ASN A 110 -14.09 28.80 2.35
N ALA A 111 -13.74 27.57 2.70
N ALA A 111 -13.69 27.72 2.99
CA ALA A 111 -13.67 26.26 2.10
CA ALA A 111 -13.86 26.41 2.42
C ALA A 111 -13.50 25.25 3.23
C ALA A 111 -13.78 25.37 3.51
N LYS A 112 -14.33 24.20 3.23
CA LYS A 112 -14.25 23.09 4.19
C LYS A 112 -14.09 21.83 3.37
N VAL A 113 -12.92 21.20 3.48
CA VAL A 113 -12.58 20.07 2.62
C VAL A 113 -12.03 18.95 3.48
N SER A 114 -12.53 17.73 3.31
CA SER A 114 -12.02 16.63 4.10
C SER A 114 -10.51 16.49 3.92
N LEU A 115 -9.81 16.22 5.01
CA LEU A 115 -8.36 16.02 4.96
C LEU A 115 -8.08 14.68 4.28
N PRO A 116 -7.31 14.68 3.20
CA PRO A 116 -7.03 13.41 2.54
C PRO A 116 -6.35 12.40 3.45
N GLY A 117 -6.74 11.15 3.30
CA GLY A 117 -6.10 10.04 3.98
C GLY A 117 -4.96 9.52 3.12
N GLY A 118 -4.71 8.22 3.19
CA GLY A 118 -3.59 7.64 2.44
C GLY A 118 -3.82 7.53 0.93
N CYS A 119 -2.69 7.48 0.21
CA CYS A 119 -2.63 7.24 -1.23
C CYS A 119 -1.96 5.88 -1.40
N ALA A 120 -2.53 5.00 -2.23
CA ALA A 120 -1.98 3.63 -2.31
C ALA A 120 -0.50 3.59 -2.63
N ILE A 121 -0.06 4.47 -3.52
CA ILE A 121 1.34 4.48 -3.96
C ILE A 121 2.28 5.31 -3.08
N GLY A 122 1.76 5.83 -1.97
CA GLY A 122 2.58 6.42 -0.93
C GLY A 122 2.90 7.84 -1.17
N SER A 123 1.97 8.74 -0.85
N SER A 123 1.96 8.72 -0.82
CA SER A 123 2.13 10.16 -1.10
CA SER A 123 2.09 10.16 -1.04
C SER A 123 2.49 10.99 0.13
C SER A 123 2.66 10.90 0.16
N ARG A 124 3.03 12.18 -0.12
N ARG A 124 2.87 12.19 -0.07
CA ARG A 124 3.30 13.16 0.94
CA ARG A 124 3.27 13.11 0.98
C ARG A 124 1.93 13.63 1.48
C ARG A 124 1.95 13.68 1.46
N PRO A 125 1.87 14.15 2.72
CA PRO A 125 0.63 14.78 3.21
C PRO A 125 0.38 16.12 2.44
N VAL A 126 -0.73 16.81 2.71
CA VAL A 126 -1.03 18.06 1.98
C VAL A 126 -0.49 19.32 2.67
N ASP A 127 0.45 19.14 3.61
CA ASP A 127 1.02 20.25 4.36
C ASP A 127 1.46 21.43 3.49
N GLN A 128 2.10 21.14 2.36
N GLN A 128 2.12 21.15 2.37
CA GLN A 128 2.59 22.21 1.49
CA GLN A 128 2.61 22.23 1.51
C GLN A 128 1.50 23.03 0.83
C GLN A 128 1.48 23.06 0.90
N HIS A 129 0.34 22.43 0.61
CA HIS A 129 -0.81 23.16 0.06
C HIS A 129 -1.27 24.17 1.12
N LEU A 130 -1.37 23.70 2.37
CA LEU A 130 -1.87 24.54 3.45
C LEU A 130 -0.90 25.68 3.78
N LYS A 131 0.39 25.38 3.81
CA LYS A 131 1.40 26.40 4.07
C LYS A 131 1.35 27.49 2.99
N ALA A 132 1.19 27.08 1.74
CA ALA A 132 1.10 28.04 0.64
C ALA A 132 -0.11 28.96 0.81
N LEU A 133 -1.26 28.39 1.14
CA LEU A 133 -2.46 29.20 1.33
C LEU A 133 -2.31 30.16 2.51
N GLU A 134 -1.65 29.69 3.59
N GLU A 134 -1.65 29.70 3.58
CA GLU A 134 -1.39 30.57 4.73
CA GLU A 134 -1.39 30.57 4.73
C GLU A 134 -0.51 31.76 4.32
C GLU A 134 -0.46 31.74 4.37
N ALA A 135 0.39 31.54 3.37
CA ALA A 135 1.27 32.62 2.89
C ALA A 135 0.46 33.73 2.19
N LEU A 136 -0.76 33.41 1.75
CA LEU A 136 -1.66 34.39 1.13
C LEU A 136 -2.71 34.93 2.11
N GLY A 137 -2.56 34.62 3.39
CA GLY A 137 -3.45 35.15 4.42
C GLY A 137 -4.55 34.23 4.90
N ALA A 138 -4.59 32.99 4.43
CA ALA A 138 -5.60 32.06 4.88
C ALA A 138 -5.40 31.65 6.31
N HIS A 139 -6.50 31.48 7.04
CA HIS A 139 -6.46 30.89 8.36
C HIS A 139 -6.93 29.45 8.16
N ILE A 140 -6.16 28.48 8.62
N ILE A 140 -6.09 28.51 8.60
CA ILE A 140 -6.51 27.10 8.37
CA ILE A 140 -6.29 27.07 8.47
C ILE A 140 -6.53 26.30 9.67
C ILE A 140 -6.44 26.39 9.82
N GLU A 141 -7.69 25.71 9.97
N GLU A 141 -7.29 25.37 9.85
CA GLU A 141 -7.88 24.82 11.10
CA GLU A 141 -7.51 24.57 11.05
C GLU A 141 -8.17 23.44 10.54
C GLU A 141 -8.01 23.21 10.61
N VAL A 142 -7.42 22.45 11.01
N VAL A 142 -7.82 22.21 11.47
CA VAL A 142 -7.62 21.08 10.59
CA VAL A 142 -8.32 20.88 11.22
C VAL A 142 -8.19 20.40 11.84
C VAL A 142 -9.24 20.51 12.38
N GLU A 143 -9.48 20.02 11.79
N GLU A 143 -10.50 20.20 12.07
CA GLU A 143 -10.17 19.38 12.92
CA GLU A 143 -11.50 19.82 13.06
C GLU A 143 -11.38 18.53 12.47
C GLU A 143 -12.27 18.60 12.57
N ASN A 144 -11.69 17.51 13.27
N ASN A 144 -12.24 17.53 13.37
CA ASN A 144 -12.72 16.49 12.97
CA ASN A 144 -12.88 16.27 13.05
C ASN A 144 -12.56 15.92 11.56
C ASN A 144 -12.73 15.86 11.59
N GLY A 145 -11.32 15.89 11.11
N GLY A 145 -11.48 15.79 11.15
CA GLY A 145 -11.01 15.32 9.82
CA GLY A 145 -11.16 15.31 9.81
C GLY A 145 -11.22 16.27 8.64
C GLY A 145 -11.46 16.22 8.65
N TYR A 146 -11.56 17.53 8.91
CA TYR A 146 -11.79 18.53 7.87
C TYR A 146 -10.81 19.67 7.97
N VAL A 147 -10.34 20.12 6.80
CA VAL A 147 -9.59 21.36 6.66
C VAL A 147 -10.61 22.49 6.51
N HIS A 148 -10.58 23.43 7.45
N HIS A 148 -10.60 23.47 7.40
CA HIS A 148 -11.43 24.62 7.46
CA HIS A 148 -11.51 24.60 7.26
C HIS A 148 -10.51 25.79 7.09
C HIS A 148 -10.65 25.84 7.11
N ALA A 149 -10.67 26.37 5.90
CA ALA A 149 -9.87 27.52 5.49
C ALA A 149 -10.78 28.72 5.36
N THR A 150 -10.35 29.85 5.92
CA THR A 150 -11.12 31.09 5.85
C THR A 150 -10.20 32.28 5.63
N VAL A 151 -10.79 33.34 5.10
CA VAL A 151 -10.12 34.63 4.96
C VAL A 151 -11.19 35.71 4.90
N ASP A 152 -10.93 36.86 5.50
CA ASP A 152 -11.85 38.00 5.41
C ASP A 152 -11.50 38.73 4.13
N GLY A 153 -12.46 38.81 3.21
CA GLY A 153 -12.22 39.45 1.92
C GLY A 153 -11.30 38.58 1.09
N ARG A 154 -10.53 39.23 0.23
CA ARG A 154 -9.60 38.53 -0.65
CA ARG A 154 -9.60 38.51 -0.63
C ARG A 154 -8.34 38.04 0.06
N LEU A 155 -7.75 37.00 -0.50
CA LEU A 155 -6.44 36.58 -0.11
C LEU A 155 -5.52 37.75 -0.51
N LYS A 156 -4.35 37.80 0.08
CA LYS A 156 -3.40 38.87 -0.19
C LYS A 156 -2.15 38.31 -0.85
N GLY A 157 -1.69 38.98 -1.89
CA GLY A 157 -0.50 38.54 -2.60
C GLY A 157 0.63 38.31 -1.63
N GLY A 158 1.39 37.25 -1.85
CA GLY A 158 2.46 36.89 -0.94
C GLY A 158 3.56 36.11 -1.60
N GLU A 159 4.52 35.68 -0.78
CA GLU A 159 5.65 34.93 -1.26
C GLU A 159 5.46 33.47 -0.86
N VAL A 160 5.28 32.63 -1.87
CA VAL A 160 5.08 31.20 -1.68
C VAL A 160 6.34 30.48 -2.11
N VAL A 161 6.78 29.54 -1.26
N VAL A 161 6.83 29.58 -1.28
CA VAL A 161 7.99 28.76 -1.50
CA VAL A 161 7.95 28.76 -1.72
C VAL A 161 7.74 27.29 -1.22
C VAL A 161 7.62 27.33 -1.29
N PHE A 162 7.81 26.43 -2.23
CA PHE A 162 7.63 25.00 -1.98
C PHE A 162 8.96 24.38 -1.62
N ASP A 163 8.99 23.68 -0.48
CA ASP A 163 10.22 23.05 -0.01
C ASP A 163 10.56 21.76 -0.78
N MET A 164 9.57 21.24 -1.47
N MET A 164 9.55 21.22 -1.45
CA MET A 164 9.69 20.05 -2.32
CA MET A 164 9.66 20.02 -2.29
C MET A 164 8.71 20.31 -3.46
C MET A 164 8.67 20.23 -3.44
N VAL A 165 9.01 19.79 -4.64
CA VAL A 165 8.11 19.99 -5.78
C VAL A 165 6.78 19.28 -5.52
N THR A 166 5.69 20.02 -5.69
CA THR A 166 4.36 19.47 -5.54
C THR A 166 3.49 19.97 -6.68
N VAL A 167 3.05 19.04 -7.52
CA VAL A 167 2.20 19.38 -8.64
C VAL A 167 0.86 19.93 -8.13
N GLY A 168 0.21 19.20 -7.23
CA GLY A 168 -1.08 19.65 -6.71
C GLY A 168 -0.99 20.93 -5.92
N GLY A 169 0.08 21.10 -5.14
CA GLY A 169 0.25 22.33 -4.39
C GLY A 169 0.41 23.53 -5.31
N THR A 170 1.18 23.35 -6.38
CA THR A 170 1.34 24.41 -7.37
C THR A 170 -0.01 24.77 -8.00
N GLU A 171 -0.81 23.77 -8.34
CA GLU A 171 -2.11 24.01 -8.93
C GLU A 171 -3.03 24.78 -7.98
N ASN A 172 -3.09 24.30 -6.74
CA ASN A 172 -3.98 24.90 -5.75
C ASN A 172 -3.60 26.37 -5.53
N ILE A 173 -2.30 26.64 -5.38
CA ILE A 173 -1.89 28.00 -5.07
C ILE A 173 -2.01 28.92 -6.28
N LEU A 174 -1.85 28.38 -7.47
N LEU A 174 -1.82 28.39 -7.49
CA LEU A 174 -1.97 29.19 -8.66
CA LEU A 174 -2.01 29.20 -8.72
C LEU A 174 -3.43 29.69 -8.82
C LEU A 174 -3.44 29.71 -8.78
N MET A 175 -4.39 28.79 -8.61
CA MET A 175 -5.79 29.17 -8.63
C MET A 175 -6.10 30.21 -7.57
N ALA A 176 -5.58 30.00 -6.36
CA ALA A 176 -5.87 30.95 -5.27
C ALA A 176 -5.25 32.32 -5.54
N ALA A 177 -4.00 32.31 -5.99
CA ALA A 177 -3.29 33.56 -6.25
C ALA A 177 -3.96 34.39 -7.33
N ALA A 178 -4.62 33.72 -8.27
CA ALA A 178 -5.25 34.42 -9.39
C ALA A 178 -6.31 35.44 -8.96
N LEU A 179 -6.92 35.26 -7.78
CA LEU A 179 -7.92 36.20 -7.25
C LEU A 179 -7.44 36.95 -6.02
N ALA A 180 -6.18 36.82 -5.65
CA ALA A 180 -5.66 37.54 -4.49
C ALA A 180 -5.50 39.02 -4.80
N ASP A 181 -5.40 39.82 -3.75
CA ASP A 181 -5.18 41.23 -3.87
C ASP A 181 -3.68 41.44 -3.85
N GLY A 182 -3.11 41.67 -5.03
CA GLY A 182 -1.69 41.91 -5.16
C GLY A 182 -0.96 40.85 -5.95
N VAL A 183 0.37 40.92 -5.83
CA VAL A 183 1.27 40.07 -6.58
C VAL A 183 1.78 38.93 -5.72
N THR A 184 1.71 37.71 -6.26
CA THR A 184 2.21 36.53 -5.60
C THR A 184 3.36 35.95 -6.40
N THR A 185 4.45 35.63 -5.71
N THR A 185 4.41 35.54 -5.71
CA THR A 185 5.54 34.90 -6.34
CA THR A 185 5.58 34.95 -6.34
C THR A 185 5.45 33.47 -5.83
C THR A 185 5.72 33.50 -5.84
N ILE A 186 5.57 32.52 -6.74
CA ILE A 186 5.56 31.09 -6.38
C ILE A 186 6.88 30.50 -6.83
N ARG A 187 7.73 30.18 -5.86
CA ARG A 187 9.05 29.62 -6.14
C ARG A 187 9.09 28.12 -5.90
N ASN A 188 9.96 27.48 -6.67
CA ASN A 188 10.03 26.03 -6.78
C ASN A 188 8.68 25.46 -7.24
N ALA A 189 8.04 26.17 -8.15
CA ALA A 189 6.81 25.70 -8.76
C ALA A 189 7.06 24.48 -9.61
N ALA A 190 6.10 23.56 -9.62
CA ALA A 190 6.18 22.44 -10.55
C ALA A 190 6.09 22.95 -11.99
N ARG A 191 6.84 22.29 -12.88
CA ARG A 191 6.90 22.60 -14.31
C ARG A 191 6.13 21.61 -15.18
N GLU A 192 5.45 20.66 -14.56
CA GLU A 192 4.64 19.71 -15.31
C GLU A 192 3.73 20.45 -16.29
N PRO A 193 3.53 19.91 -17.48
N PRO A 193 3.53 19.89 -17.51
CA PRO A 193 2.76 20.71 -18.44
CA PRO A 193 2.71 20.55 -18.54
C PRO A 193 1.27 20.84 -18.10
C PRO A 193 1.28 20.85 -18.09
N GLU A 194 0.77 20.08 -17.14
CA GLU A 194 -0.57 20.30 -16.64
C GLU A 194 -0.65 21.63 -15.88
N ILE A 195 0.45 22.05 -15.24
CA ILE A 195 0.50 23.38 -14.62
C ILE A 195 0.36 24.45 -15.70
N THR A 196 1.10 24.30 -16.78
CA THR A 196 1.05 25.25 -17.88
C THR A 196 -0.35 25.30 -18.48
N ASP A 197 -1.00 24.14 -18.62
CA ASP A 197 -2.35 24.11 -19.17
C ASP A 197 -3.32 24.86 -18.26
N LEU A 198 -3.22 24.60 -16.96
CA LEU A 198 -4.03 25.33 -15.99
C LEU A 198 -3.77 26.84 -16.11
N ALA A 199 -2.50 27.24 -16.14
CA ALA A 199 -2.16 28.64 -16.23
C ALA A 199 -2.74 29.29 -17.49
N GLN A 200 -2.68 28.57 -18.61
CA GLN A 200 -3.22 29.10 -19.86
C GLN A 200 -4.73 29.25 -19.79
N MET A 201 -5.43 28.31 -19.18
CA MET A 201 -6.86 28.52 -19.05
C MET A 201 -7.14 29.71 -18.12
N LEU A 202 -6.42 29.80 -17.00
CA LEU A 202 -6.61 30.94 -16.11
C LEU A 202 -6.40 32.27 -16.85
N ILE A 203 -5.35 32.33 -17.67
CA ILE A 203 -5.09 33.52 -18.48
C ILE A 203 -6.25 33.79 -19.44
N LYS A 204 -6.81 32.74 -20.05
N LYS A 204 -6.80 32.74 -20.05
CA LYS A 204 -7.98 32.91 -20.93
CA LYS A 204 -7.92 32.93 -20.95
C LYS A 204 -9.22 33.43 -20.18
C LYS A 204 -9.11 33.52 -20.18
N MET A 205 -9.26 33.17 -18.87
N MET A 205 -9.24 33.11 -18.91
CA MET A 205 -10.33 33.62 -18.00
CA MET A 205 -10.30 33.59 -18.01
C MET A 205 -10.09 35.04 -17.50
C MET A 205 -10.03 34.98 -17.40
N GLY A 206 -8.91 35.61 -17.77
CA GLY A 206 -8.58 36.95 -17.31
C GLY A 206 -7.45 37.06 -16.32
N ALA A 207 -6.78 35.96 -15.99
CA ALA A 207 -5.70 36.01 -15.01
C ALA A 207 -4.44 36.62 -15.61
N LYS A 208 -3.53 37.00 -14.72
CA LYS A 208 -2.25 37.59 -15.08
C LYS A 208 -1.16 36.74 -14.46
N ILE A 209 -0.47 35.97 -15.30
CA ILE A 209 0.52 35.01 -14.83
C ILE A 209 1.74 35.06 -15.75
N GLU A 210 2.90 35.30 -15.14
CA GLU A 210 4.20 35.28 -15.81
C GLU A 210 4.99 34.07 -15.34
N GLY A 211 5.93 33.63 -16.17
CA GLY A 211 6.84 32.54 -15.80
C GLY A 211 6.38 31.16 -16.20
N LEU A 212 5.44 31.05 -17.14
CA LEU A 212 4.97 29.72 -17.57
C LEU A 212 6.11 28.85 -18.04
N ASP A 213 6.01 27.57 -17.69
CA ASP A 213 7.00 26.54 -18.00
C ASP A 213 8.30 26.69 -17.21
N THR A 214 8.31 27.57 -16.19
CA THR A 214 9.47 27.74 -15.33
C THR A 214 9.09 27.45 -13.88
N ASP A 215 10.11 27.40 -13.03
CA ASP A 215 9.91 27.17 -11.60
C ASP A 215 9.55 28.40 -10.79
N THR A 216 9.36 29.54 -11.45
CA THR A 216 8.98 30.78 -10.75
C THR A 216 7.80 31.41 -11.45
N LEU A 217 6.62 31.26 -10.83
CA LEU A 217 5.41 31.86 -11.37
C LEU A 217 5.14 33.17 -10.64
N VAL A 218 4.74 34.19 -11.39
CA VAL A 218 4.48 35.51 -10.82
C VAL A 218 3.06 35.87 -11.23
N VAL A 219 2.17 35.93 -10.24
CA VAL A 219 0.74 36.11 -10.46
C VAL A 219 0.30 37.48 -9.97
N THR A 220 -0.41 38.22 -10.82
CA THR A 220 -1.02 39.46 -10.37
C THR A 220 -2.50 39.17 -10.23
N GLY A 221 -3.00 39.20 -9.00
CA GLY A 221 -4.39 38.85 -8.78
C GLY A 221 -5.32 39.84 -9.46
N VAL A 222 -6.47 39.32 -9.86
CA VAL A 222 -7.53 40.13 -10.44
C VAL A 222 -8.78 39.98 -9.58
N GLU A 223 -9.70 40.93 -9.74
CA GLU A 223 -10.91 40.93 -8.94
C GLU A 223 -11.83 39.76 -9.26
N SER A 224 -11.93 39.41 -10.54
N SER A 224 -11.99 39.43 -10.55
CA SER A 224 -12.77 38.31 -10.96
CA SER A 224 -12.85 38.32 -10.95
C SER A 224 -12.22 37.69 -12.22
C SER A 224 -12.44 37.75 -12.31
N LEU A 225 -12.60 36.43 -12.43
CA LEU A 225 -12.27 35.68 -13.62
C LEU A 225 -13.58 35.33 -14.30
N HIS A 226 -13.56 35.32 -15.63
N HIS A 226 -13.52 35.19 -15.61
CA HIS A 226 -14.76 34.96 -16.39
CA HIS A 226 -14.69 34.90 -16.40
C HIS A 226 -14.64 33.56 -16.99
C HIS A 226 -14.64 33.50 -16.94
N GLY A 227 -15.76 33.05 -17.47
CA GLY A 227 -15.79 31.77 -18.15
C GLY A 227 -15.14 31.89 -19.53
N CYS A 228 -14.89 30.73 -20.12
CA CYS A 228 -14.33 30.62 -21.45
C CYS A 228 -14.61 29.22 -21.97
N GLU A 229 -14.13 28.93 -23.17
N GLU A 229 -14.13 28.94 -23.18
CA GLU A 229 -14.12 27.56 -23.70
CA GLU A 229 -14.11 27.59 -23.69
C GLU A 229 -12.66 27.15 -23.82
C GLU A 229 -12.63 27.23 -23.64
N TYR A 230 -12.33 25.98 -23.26
CA TYR A 230 -10.94 25.54 -23.21
C TYR A 230 -10.87 24.03 -23.48
N ALA A 231 -9.86 23.60 -24.23
CA ALA A 231 -9.65 22.19 -24.54
C ALA A 231 -8.49 21.66 -23.71
N VAL A 232 -8.73 20.56 -22.99
CA VAL A 232 -7.69 19.95 -22.17
C VAL A 232 -6.51 19.51 -23.04
N VAL A 233 -5.29 19.76 -22.56
CA VAL A 233 -4.07 19.31 -23.23
C VAL A 233 -4.08 17.78 -23.36
N ALA A 234 -3.42 17.28 -24.38
CA ALA A 234 -3.29 15.83 -24.57
C ALA A 234 -2.61 15.16 -23.37
N ASP A 235 -2.95 13.89 -23.17
CA ASP A 235 -2.41 13.09 -22.07
C ASP A 235 -1.05 12.48 -22.46
N ARG A 236 0.02 13.05 -21.91
CA ARG A 236 1.37 12.56 -22.22
C ARG A 236 1.64 11.17 -21.67
N ILE A 237 0.98 10.81 -20.57
CA ILE A 237 1.19 9.50 -19.98
C ILE A 237 0.42 8.43 -20.77
N GLU A 238 -0.80 8.74 -21.16
CA GLU A 238 -1.53 7.84 -22.05
C GLU A 238 -0.72 7.64 -23.34
N THR A 239 -0.16 8.73 -23.86
CA THR A 239 0.67 8.67 -25.06
C THR A 239 1.83 7.68 -24.87
N GLY A 240 2.62 7.88 -23.81
CA GLY A 240 3.74 7.00 -23.56
C GLY A 240 3.31 5.56 -23.35
N SER A 241 2.17 5.38 -22.71
CA SER A 241 1.64 4.03 -22.42
C SER A 241 1.34 3.26 -23.71
N TYR A 242 0.68 3.90 -24.67
CA TYR A 242 0.37 3.20 -25.92
C TYR A 242 1.61 3.00 -26.78
N LEU A 243 2.54 3.96 -26.78
CA LEU A 243 3.81 3.73 -27.48
C LEU A 243 4.55 2.54 -26.86
N ALA A 244 4.46 2.38 -25.54
CA ALA A 244 5.08 1.25 -24.86
C ALA A 244 4.45 -0.09 -25.30
N ALA A 245 3.18 -0.08 -25.67
CA ALA A 245 2.51 -1.29 -26.15
C ALA A 245 3.14 -1.74 -27.47
N ALA A 246 3.53 -0.79 -28.34
CA ALA A 246 4.32 -1.15 -29.52
C ALA A 246 5.69 -1.70 -29.10
N ALA A 247 6.37 -0.98 -28.22
CA ALA A 247 7.73 -1.39 -27.85
C ALA A 247 7.77 -2.81 -27.29
N ILE A 248 6.83 -3.13 -26.39
CA ILE A 248 6.89 -4.43 -25.74
C ILE A 248 6.52 -5.58 -26.65
N THR A 249 5.71 -5.33 -27.67
CA THR A 249 5.27 -6.38 -28.60
C THR A 249 6.04 -6.39 -29.92
N GLY A 250 7.01 -5.50 -30.09
CA GLY A 250 7.76 -5.43 -31.35
C GLY A 250 6.97 -4.77 -32.48
N GLY A 251 5.86 -4.14 -32.13
CA GLY A 251 4.94 -3.56 -33.10
C GLY A 251 5.17 -2.13 -33.49
N ARG A 252 4.10 -1.53 -34.01
CA ARG A 252 4.15 -0.17 -34.55
C ARG A 252 2.85 0.51 -34.20
N VAL A 253 2.93 1.56 -33.39
CA VAL A 253 1.76 2.29 -32.94
C VAL A 253 1.97 3.76 -33.19
N LYS A 254 0.96 4.40 -33.79
CA LYS A 254 0.93 5.84 -33.99
C LYS A 254 -0.10 6.43 -33.02
N THR A 255 0.35 7.35 -32.17
CA THR A 255 -0.54 8.08 -31.27
C THR A 255 -0.84 9.43 -31.90
N THR A 256 -2.12 9.70 -32.13
CA THR A 256 -2.55 10.97 -32.71
C THR A 256 -3.15 11.87 -31.65
N HIS A 257 -3.36 13.14 -32.01
CA HIS A 257 -3.94 14.12 -31.09
C HIS A 257 -3.09 14.27 -29.82
N THR A 258 -1.77 14.33 -30.01
CA THR A 258 -0.88 14.43 -28.87
C THR A 258 0.17 15.52 -29.15
N ASP A 259 1.27 15.51 -28.41
CA ASP A 259 2.28 16.55 -28.52
C ASP A 259 3.57 15.97 -28.00
N PRO A 260 4.50 15.59 -28.90
CA PRO A 260 5.75 14.97 -28.43
C PRO A 260 6.57 15.85 -27.51
N SER A 261 6.40 17.17 -27.56
N SER A 261 6.41 17.17 -27.58
CA SER A 261 7.16 18.03 -26.66
CA SER A 261 7.20 18.09 -26.76
C SER A 261 6.74 17.87 -25.19
C SER A 261 7.01 17.85 -25.28
N LEU A 262 5.63 17.16 -24.93
N LEU A 262 5.88 17.26 -24.89
CA LEU A 262 5.20 16.88 -23.56
CA LEU A 262 5.58 17.03 -23.49
C LEU A 262 5.93 15.68 -22.95
C LEU A 262 6.19 15.75 -22.91
N LEU A 263 6.71 14.95 -23.75
N LEU A 263 6.75 14.91 -23.76
CA LEU A 263 7.32 13.71 -23.23
CA LEU A 263 7.32 13.66 -23.27
C LEU A 263 8.67 13.37 -23.87
C LEU A 263 8.67 13.36 -23.90
N GLU A 264 9.51 14.38 -24.03
CA GLU A 264 10.82 14.19 -24.63
C GLU A 264 11.68 13.17 -23.88
N ALA A 265 11.67 13.19 -22.55
CA ALA A 265 12.49 12.25 -21.79
C ALA A 265 12.08 10.80 -22.08
N VAL A 266 10.78 10.57 -22.18
CA VAL A 266 10.26 9.24 -22.48
C VAL A 266 10.60 8.81 -23.91
N LEU A 267 10.43 9.73 -24.87
CA LEU A 267 10.78 9.41 -26.24
C LEU A 267 12.24 9.08 -26.40
N ASP A 268 13.12 9.80 -25.70
CA ASP A 268 14.54 9.48 -25.73
C ASP A 268 14.80 8.07 -25.22
N LYS A 269 14.08 7.65 -24.18
CA LYS A 269 14.24 6.30 -23.66
C LYS A 269 13.76 5.26 -24.67
N PHE A 270 12.67 5.53 -25.37
CA PHE A 270 12.24 4.61 -26.42
C PHE A 270 13.29 4.48 -27.53
N GLU A 271 13.92 5.59 -27.91
CA GLU A 271 15.00 5.52 -28.89
C GLU A 271 16.17 4.69 -28.36
N GLU A 272 16.48 4.82 -27.08
N GLU A 272 16.49 4.82 -27.07
CA GLU A 272 17.55 4.05 -26.48
CA GLU A 272 17.55 4.03 -26.42
C GLU A 272 17.24 2.55 -26.51
C GLU A 272 17.24 2.53 -26.40
N MET A 273 15.95 2.20 -26.46
CA MET A 273 15.52 0.80 -26.57
C MET A 273 15.80 0.23 -27.96
N GLY A 274 15.99 1.08 -28.97
CA GLY A 274 16.21 0.64 -30.34
C GLY A 274 15.01 0.91 -31.23
N ALA A 275 13.99 1.57 -30.71
CA ALA A 275 12.81 1.86 -31.51
C ALA A 275 13.04 3.01 -32.48
N GLU A 276 12.33 2.97 -33.61
CA GLU A 276 12.31 4.07 -34.56
C GLU A 276 11.14 4.96 -34.16
N VAL A 277 11.46 6.17 -33.70
N VAL A 277 11.47 6.18 -33.72
CA VAL A 277 10.44 7.11 -33.30
CA VAL A 277 10.48 7.15 -33.21
C VAL A 277 10.36 8.20 -34.37
C VAL A 277 10.36 8.39 -34.09
N THR A 278 9.18 8.33 -34.98
N THR A 278 9.17 8.59 -34.66
CA THR A 278 8.91 9.40 -35.94
CA THR A 278 8.90 9.73 -35.52
C THR A 278 7.84 10.27 -35.31
C THR A 278 8.06 10.76 -34.76
N ARG A 279 7.79 11.52 -35.75
N ARG A 279 8.53 12.00 -34.72
CA ARG A 279 6.91 12.45 -35.12
CA ARG A 279 7.84 13.06 -33.98
C ARG A 279 6.61 13.65 -35.98
C ARG A 279 7.22 14.08 -34.92
N GLY A 280 5.52 14.29 -35.62
N GLY A 280 5.90 14.23 -34.88
CA GLY A 280 5.14 15.54 -36.18
CA GLY A 280 5.17 15.23 -35.71
C GLY A 280 4.75 16.39 -35.00
C GLY A 280 4.58 16.32 -34.81
N ASP A 281 4.12 17.47 -35.32
CA ASP A 281 3.72 18.47 -34.37
C ASP A 281 2.70 17.95 -33.36
N ASP A 282 1.80 17.07 -33.82
CA ASP A 282 0.74 16.56 -32.96
C ASP A 282 0.54 15.04 -33.03
N TRP A 283 1.59 14.33 -33.39
CA TRP A 283 1.50 12.87 -33.49
C TRP A 283 2.88 12.27 -33.32
N ILE A 284 2.90 10.99 -32.97
CA ILE A 284 4.13 10.26 -32.76
C ILE A 284 3.89 8.85 -33.25
N GLU A 285 4.90 8.23 -33.85
CA GLU A 285 4.84 6.81 -34.17
C GLU A 285 6.08 6.12 -33.61
N LEU A 286 5.87 4.99 -32.96
CA LEU A 286 6.97 4.16 -32.50
C LEU A 286 6.88 2.84 -33.28
N ASP A 287 7.97 2.50 -33.96
CA ASP A 287 8.07 1.21 -34.65
C ASP A 287 9.26 0.47 -34.05
N MET A 288 8.96 -0.65 -33.39
CA MET A 288 9.98 -1.45 -32.73
C MET A 288 10.61 -2.45 -33.70
N LEU A 289 10.12 -2.49 -34.94
CA LEU A 289 10.71 -3.28 -36.03
C LEU A 289 10.83 -4.78 -35.77
N GLY A 290 9.95 -5.30 -34.92
CA GLY A 290 9.97 -6.71 -34.59
C GLY A 290 11.14 -7.10 -33.69
N LYS A 291 11.86 -6.12 -33.17
CA LYS A 291 13.03 -6.39 -32.34
C LYS A 291 12.69 -6.42 -30.87
N ARG A 292 13.51 -7.12 -30.10
N ARG A 292 13.51 -7.12 -30.10
CA ARG A 292 13.43 -7.12 -28.65
CA ARG A 292 13.37 -7.11 -28.65
C ARG A 292 14.02 -5.77 -28.19
C ARG A 292 14.01 -5.82 -28.17
N PRO A 293 13.29 -5.02 -27.36
CA PRO A 293 13.86 -3.75 -26.92
C PRO A 293 15.09 -3.96 -26.02
N LYS A 294 16.02 -3.02 -26.05
CA LYS A 294 17.12 -3.00 -25.10
C LYS A 294 16.57 -2.44 -23.79
N ALA A 295 16.91 -3.07 -22.66
CA ALA A 295 16.48 -2.57 -21.36
C ALA A 295 17.13 -1.20 -21.11
N VAL A 296 16.37 -0.25 -20.58
CA VAL A 296 16.86 1.11 -20.36
C VAL A 296 16.65 1.54 -18.92
N SER A 297 17.68 2.15 -18.35
CA SER A 297 17.65 2.65 -16.99
C SER A 297 17.00 4.02 -16.94
N PHE A 298 16.40 4.35 -15.79
CA PHE A 298 15.86 5.69 -15.61
C PHE A 298 15.66 5.99 -14.12
N ARG A 299 15.60 7.29 -13.82
N ARG A 299 15.59 7.28 -13.84
CA ARG A 299 15.35 7.81 -12.48
CA ARG A 299 15.33 7.79 -12.51
C ARG A 299 14.19 8.78 -12.58
C ARG A 299 14.14 8.72 -12.65
N THR A 300 13.10 8.50 -11.87
CA THR A 300 11.94 9.38 -11.93
C THR A 300 12.29 10.70 -11.24
N LEU A 301 11.89 11.81 -11.84
CA LEU A 301 12.20 13.15 -11.31
C LEU A 301 11.09 14.09 -11.81
N PRO A 302 10.97 15.28 -11.22
CA PRO A 302 9.95 16.19 -11.73
C PRO A 302 10.19 16.60 -13.19
N HIS A 303 9.09 16.94 -13.86
CA HIS A 303 9.14 17.35 -15.25
C HIS A 303 10.13 18.50 -15.36
N PRO A 304 10.93 18.59 -16.43
CA PRO A 304 10.85 17.81 -17.68
C PRO A 304 11.65 16.51 -17.73
N GLU A 305 12.06 16.01 -16.58
CA GLU A 305 12.77 14.73 -16.52
C GLU A 305 11.77 13.56 -16.61
N PHE A 306 12.28 12.34 -16.47
CA PHE A 306 11.46 11.15 -16.66
C PHE A 306 10.32 11.10 -15.62
N PRO A 307 9.07 10.93 -16.08
CA PRO A 307 7.95 11.04 -15.16
C PRO A 307 7.66 9.77 -14.37
N THR A 308 7.40 9.94 -13.07
CA THR A 308 6.98 8.81 -12.25
C THR A 308 5.74 8.11 -12.83
N ASP A 309 4.86 8.85 -13.46
CA ASP A 309 3.65 8.24 -13.98
C ASP A 309 3.89 7.31 -15.19
N MET A 310 5.12 7.24 -15.72
CA MET A 310 5.51 6.25 -16.74
C MET A 310 6.36 5.10 -16.17
N GLN A 311 6.74 5.15 -14.90
CA GLN A 311 7.67 4.17 -14.35
C GLN A 311 7.21 2.72 -14.46
N ALA A 312 6.00 2.44 -14.03
CA ALA A 312 5.55 1.05 -14.01
C ALA A 312 5.48 0.47 -15.42
N GLN A 313 5.05 1.30 -16.37
CA GLN A 313 4.92 0.87 -17.76
C GLN A 313 6.26 0.54 -18.37
N ILE A 314 7.25 1.42 -18.19
CA ILE A 314 8.57 1.14 -18.76
C ILE A 314 9.25 -0.01 -18.02
N MET A 315 8.96 -0.19 -16.74
CA MET A 315 9.47 -1.36 -16.04
C MET A 315 8.97 -2.64 -16.73
N ALA A 316 7.69 -2.68 -17.13
CA ALA A 316 7.15 -3.85 -17.81
C ALA A 316 7.87 -4.10 -19.12
N VAL A 317 8.13 -3.05 -19.91
CA VAL A 317 8.86 -3.23 -21.16
C VAL A 317 10.25 -3.78 -20.86
N ASN A 318 10.93 -3.20 -19.87
CA ASN A 318 12.27 -3.67 -19.48
C ASN A 318 12.29 -5.13 -19.05
N ALA A 319 11.17 -5.62 -18.52
CA ALA A 319 11.11 -7.01 -18.06
C ALA A 319 11.39 -8.02 -19.15
N ILE A 320 11.13 -7.66 -20.42
CA ILE A 320 11.44 -8.55 -21.54
C ILE A 320 12.57 -8.00 -22.41
N GLY A 321 13.22 -6.94 -21.96
CA GLY A 321 14.27 -6.33 -22.75
C GLY A 321 15.60 -7.07 -22.66
N ARG A 322 16.56 -6.57 -23.43
N ARG A 322 16.49 -6.81 -23.60
CA ARG A 322 17.94 -7.06 -23.44
CA ARG A 322 17.79 -7.47 -23.56
C ARG A 322 18.80 -6.30 -22.42
C ARG A 322 18.65 -6.71 -22.58
N GLY A 323 19.25 -6.98 -21.36
N GLY A 323 19.53 -7.47 -21.92
CA GLY A 323 20.13 -6.37 -20.36
CA GLY A 323 20.41 -6.92 -20.91
C GLY A 323 19.52 -5.92 -19.05
C GLY A 323 19.67 -6.67 -19.61
N PHE A 324 20.30 -5.14 -18.30
N PHE A 324 20.20 -5.72 -18.85
CA PHE A 324 19.91 -4.60 -16.99
CA PHE A 324 19.58 -5.35 -17.59
C PHE A 324 19.31 -3.21 -17.11
C PHE A 324 19.62 -3.85 -17.42
N ALA A 325 18.27 -2.93 -16.33
N ALA A 325 18.78 -3.37 -16.53
CA ALA A 325 17.73 -1.58 -16.21
CA ALA A 325 18.60 -1.94 -16.34
C ALA A 325 17.75 -1.21 -14.74
C ALA A 325 18.22 -1.64 -14.91
N THR A 326 18.44 -0.13 -14.41
N THR A 326 18.48 -0.42 -14.48
CA THR A 326 18.47 0.42 -13.06
CA THR A 326 18.16 -0.02 -13.14
C THR A 326 17.31 1.43 -13.01
C THR A 326 17.23 1.17 -13.11
N ILE A 327 16.20 1.08 -12.34
N ILE A 327 16.53 1.27 -11.99
CA ILE A 327 15.03 1.96 -12.16
CA ILE A 327 15.49 2.24 -11.83
C ILE A 327 15.04 2.54 -10.75
C ILE A 327 15.44 2.78 -10.43
N SER A 328 15.04 3.87 -10.64
N SER A 328 15.22 4.07 -10.30
CA SER A 328 15.03 4.57 -9.35
CA SER A 328 14.95 4.62 -8.99
C SER A 328 13.81 5.49 -9.24
C SER A 328 13.68 5.45 -9.10
N GLU A 329 12.92 5.21 -8.30
N GLU A 329 12.88 5.37 -8.04
CA GLU A 329 11.72 6.02 -8.04
CA GLU A 329 11.62 6.04 -7.97
C GLU A 329 11.97 7.03 -6.91
C GLU A 329 11.75 7.05 -6.86
N THR A 330 11.91 8.32 -7.23
CA THR A 330 12.15 9.39 -6.22
C THR A 330 10.92 10.16 -5.77
N ILE A 331 9.79 9.95 -6.41
CA ILE A 331 8.61 10.78 -6.16
C ILE A 331 7.63 10.20 -5.16
N PHE A 332 7.39 8.89 -5.26
CA PHE A 332 6.45 8.17 -4.39
C PHE A 332 7.20 7.14 -3.59
N GLU A 333 6.64 6.79 -2.43
CA GLU A 333 7.27 5.89 -1.46
C GLU A 333 6.89 4.42 -1.63
N ASN A 334 5.79 4.15 -2.32
CA ASN A 334 5.26 2.80 -2.42
C ASN A 334 4.78 2.52 -3.85
N ARG A 335 5.62 2.86 -4.82
CA ARG A 335 5.24 2.71 -6.23
C ARG A 335 5.97 1.57 -6.93
N PHE A 336 6.20 0.48 -6.18
CA PHE A 336 6.71 -0.77 -6.76
C PHE A 336 5.71 -1.92 -6.50
N MET A 337 4.44 -1.59 -6.32
CA MET A 337 3.47 -2.65 -6.01
C MET A 337 3.24 -3.62 -7.17
N HIS A 338 3.54 -3.19 -8.39
CA HIS A 338 3.47 -4.06 -9.55
C HIS A 338 4.61 -5.07 -9.60
N VAL A 339 5.70 -4.85 -8.86
CA VAL A 339 6.85 -5.75 -8.97
C VAL A 339 6.51 -7.20 -8.63
N PRO A 340 5.87 -7.47 -7.49
CA PRO A 340 5.58 -8.88 -7.19
C PRO A 340 4.64 -9.51 -8.23
N GLU A 341 3.79 -8.71 -8.85
CA GLU A 341 2.86 -9.23 -9.85
C GLU A 341 3.61 -9.54 -11.14
N LEU A 342 4.47 -8.63 -11.59
CA LEU A 342 5.34 -8.93 -12.72
C LEU A 342 6.21 -10.16 -12.45
N SER A 343 6.67 -10.32 -11.21
CA SER A 343 7.47 -11.50 -10.86
C SER A 343 6.64 -12.79 -11.01
N ARG A 344 5.35 -12.73 -10.69
CA ARG A 344 4.47 -13.90 -10.89
C ARG A 344 4.40 -14.32 -12.37
N MET A 345 4.59 -13.36 -13.28
N MET A 345 4.55 -13.35 -13.27
CA MET A 345 4.57 -13.61 -14.73
CA MET A 345 4.54 -13.57 -14.71
C MET A 345 5.94 -13.98 -15.28
C MET A 345 5.88 -14.11 -15.24
N GLY A 346 6.92 -14.12 -14.40
CA GLY A 346 8.26 -14.56 -14.79
C GLY A 346 9.33 -13.48 -14.85
N ALA A 347 8.98 -12.24 -14.53
CA ALA A 347 9.99 -11.17 -14.57
C ALA A 347 11.05 -11.39 -13.50
N ASN A 348 12.24 -10.88 -13.78
CA ASN A 348 13.38 -10.92 -12.87
C ASN A 348 13.68 -9.50 -12.43
N ILE A 349 13.13 -9.11 -11.28
CA ILE A 349 13.26 -7.75 -10.76
C ILE A 349 13.70 -7.84 -9.32
N GLN A 350 14.73 -7.10 -8.97
CA GLN A 350 15.27 -7.09 -7.61
C GLN A 350 15.14 -5.67 -7.05
N VAL A 351 14.53 -5.55 -5.87
CA VAL A 351 14.26 -4.26 -5.27
C VAL A 351 15.01 -4.07 -3.97
N GLU A 352 15.50 -2.86 -3.74
CA GLU A 352 15.98 -2.47 -2.42
C GLU A 352 15.57 -1.02 -2.24
N GLY A 353 14.58 -0.80 -1.37
CA GLY A 353 14.04 0.52 -1.14
C GLY A 353 13.46 1.09 -2.42
N HIS A 354 13.97 2.24 -2.82
CA HIS A 354 13.45 2.91 -4.02
C HIS A 354 14.21 2.59 -5.33
N ASP A 355 15.16 1.67 -5.19
N ASP A 355 15.08 1.56 -5.33
CA ASP A 355 16.00 1.24 -6.25
CA ASP A 355 15.76 1.07 -6.57
C ASP A 355 15.58 -0.16 -6.68
C ASP A 355 15.22 -0.31 -6.99
N ALA A 356 15.44 -0.35 -7.98
N ALA A 356 15.06 -0.53 -8.30
CA ALA A 356 15.13 -1.64 -8.54
CA ALA A 356 14.62 -1.82 -8.85
C ALA A 356 16.07 -1.91 -9.69
C ALA A 356 15.52 -2.19 -10.02
N VAL A 357 16.35 -3.19 -9.91
N VAL A 357 16.27 -3.28 -9.91
CA VAL A 357 17.16 -3.65 -11.04
CA VAL A 357 17.13 -3.70 -11.02
C VAL A 357 16.35 -4.73 -11.77
C VAL A 357 16.40 -4.77 -11.80
N VAL A 358 16.09 -4.46 -13.05
CA VAL A 358 15.38 -5.39 -13.90
C VAL A 358 16.39 -6.10 -14.78
N THR A 359 16.35 -7.42 -14.75
CA THR A 359 17.17 -8.23 -15.64
C THR A 359 16.20 -8.80 -16.67
N GLY A 360 16.30 -8.35 -17.92
CA GLY A 360 15.33 -8.79 -18.90
C GLY A 360 15.33 -10.29 -19.14
N VAL A 361 14.14 -10.85 -19.32
CA VAL A 361 13.98 -12.28 -19.64
C VAL A 361 13.43 -12.38 -21.08
N GLU A 362 13.67 -13.49 -21.77
N GLU A 362 13.67 -13.53 -21.70
CA GLU A 362 13.19 -13.58 -23.15
CA GLU A 362 13.26 -13.78 -23.08
C GLU A 362 11.66 -13.64 -23.21
C GLU A 362 11.74 -13.83 -23.27
N LYS A 363 11.04 -14.38 -22.28
CA LYS A 363 9.58 -14.52 -22.30
C LYS A 363 8.94 -14.47 -20.92
N LEU A 364 7.77 -13.85 -20.86
CA LEU A 364 6.92 -13.92 -19.68
C LEU A 364 5.90 -15.04 -19.92
N GLN A 365 5.37 -15.60 -18.83
CA GLN A 365 4.34 -16.62 -18.90
C GLN A 365 3.09 -16.11 -18.21
N ALA A 366 1.94 -16.34 -18.83
CA ALA A 366 0.68 -15.91 -18.26
C ALA A 366 0.46 -16.53 -16.88
N ALA A 367 -0.04 -15.72 -15.95
CA ALA A 367 -0.37 -16.15 -14.61
C ALA A 367 -1.37 -15.13 -14.08
N PRO A 368 -2.26 -15.53 -13.17
CA PRO A 368 -3.20 -14.54 -12.66
C PRO A 368 -2.48 -13.53 -11.78
N VAL A 369 -2.85 -12.27 -11.95
CA VAL A 369 -2.20 -11.16 -11.26
C VAL A 369 -3.26 -10.17 -10.82
N MET A 370 -2.87 -9.25 -9.95
N MET A 370 -2.83 -9.26 -9.94
CA MET A 370 -3.81 -8.29 -9.42
CA MET A 370 -3.66 -8.28 -9.25
C MET A 370 -3.24 -6.89 -9.54
C MET A 370 -3.19 -6.85 -9.50
N ALA A 371 -4.03 -6.01 -10.11
CA ALA A 371 -3.67 -4.60 -10.23
C ALA A 371 -3.81 -3.94 -8.85
N THR A 372 -2.91 -3.00 -8.57
CA THR A 372 -2.84 -2.33 -7.25
C THR A 372 -3.07 -0.83 -7.30
N ASP A 373 -3.00 -0.24 -8.49
CA ASP A 373 -3.09 1.21 -8.67
C ASP A 373 -3.18 1.46 -10.17
N LEU A 374 -3.40 2.72 -10.53
CA LEU A 374 -3.65 3.09 -11.92
C LEU A 374 -2.54 2.64 -12.88
N ARG A 375 -1.32 3.12 -12.68
CA ARG A 375 -0.28 2.81 -13.66
C ARG A 375 0.18 1.36 -13.55
N ALA A 376 0.11 0.77 -12.37
CA ALA A 376 0.39 -0.66 -12.25
C ALA A 376 -0.55 -1.47 -13.11
N SER A 377 -1.81 -1.06 -13.20
N SER A 377 -1.82 -1.06 -13.19
CA SER A 377 -2.76 -1.83 -13.98
CA SER A 377 -2.79 -1.77 -14.02
C SER A 377 -2.34 -1.83 -15.46
C SER A 377 -2.31 -1.84 -15.45
N PHE A 378 -1.86 -0.70 -15.97
CA PHE A 378 -1.42 -0.65 -17.36
C PHE A 378 -0.11 -1.43 -17.53
N SER A 379 0.77 -1.40 -16.52
CA SER A 379 1.99 -2.20 -16.55
C SER A 379 1.65 -3.70 -16.72
N LEU A 380 0.67 -4.17 -15.96
CA LEU A 380 0.26 -5.58 -16.05
C LEU A 380 -0.40 -5.88 -17.38
N VAL A 381 -1.15 -4.93 -17.94
CA VAL A 381 -1.69 -5.10 -19.28
C VAL A 381 -0.55 -5.28 -20.29
N LEU A 382 0.47 -4.43 -20.21
CA LEU A 382 1.62 -4.56 -21.10
C LEU A 382 2.27 -5.93 -20.97
N ALA A 383 2.49 -6.37 -19.75
CA ALA A 383 3.09 -7.68 -19.52
C ALA A 383 2.23 -8.79 -20.11
N ALA A 384 0.92 -8.68 -19.90
CA ALA A 384 -0.01 -9.69 -20.43
C ALA A 384 0.00 -9.72 -21.97
N LEU A 385 0.20 -8.55 -22.58
CA LEU A 385 0.22 -8.46 -24.04
C LEU A 385 1.42 -9.19 -24.66
N VAL A 386 2.52 -9.31 -23.92
CA VAL A 386 3.71 -10.00 -24.43
C VAL A 386 3.84 -11.42 -23.89
N ALA A 387 3.18 -11.73 -22.78
CA ALA A 387 3.30 -13.04 -22.15
C ALA A 387 2.74 -14.15 -23.00
N GLU A 388 3.28 -15.35 -22.80
CA GLU A 388 2.78 -16.54 -23.46
C GLU A 388 1.60 -17.08 -22.69
N GLY A 389 0.43 -17.09 -23.33
CA GLY A 389 -0.78 -17.63 -22.74
C GLY A 389 -1.83 -16.59 -22.39
N ASP A 390 -2.76 -17.02 -21.53
CA ASP A 390 -3.92 -16.23 -21.17
C ASP A 390 -3.81 -15.73 -19.74
N THR A 391 -3.60 -14.42 -19.59
CA THR A 391 -3.49 -13.78 -18.29
C THR A 391 -4.83 -13.21 -17.84
N LEU A 392 -5.19 -13.46 -16.59
N LEU A 392 -5.17 -13.42 -16.57
CA LEU A 392 -6.34 -12.82 -15.98
CA LEU A 392 -6.38 -12.84 -15.98
C LEU A 392 -5.78 -11.77 -15.02
C LEU A 392 -5.95 -11.81 -14.93
N ILE A 393 -6.20 -10.52 -15.23
CA ILE A 393 -5.81 -9.42 -14.34
C ILE A 393 -7.02 -9.02 -13.52
N ASP A 394 -6.91 -9.20 -12.22
CA ASP A 394 -7.98 -8.85 -11.31
C ASP A 394 -7.83 -7.41 -10.85
N ARG A 395 -8.92 -6.84 -10.33
N ARG A 395 -8.95 -6.88 -10.37
CA ARG A 395 -8.95 -5.47 -9.82
CA ARG A 395 -9.06 -5.54 -9.84
C ARG A 395 -8.55 -4.47 -10.88
C ARG A 395 -8.61 -4.49 -10.85
N ILE A 396 -8.96 -4.71 -12.12
CA ILE A 396 -8.60 -3.82 -13.21
C ILE A 396 -9.29 -2.47 -13.13
N TYR A 397 -10.27 -2.31 -12.23
N TYR A 397 -10.28 -2.28 -12.26
CA TYR A 397 -10.98 -1.03 -12.05
CA TYR A 397 -10.97 -0.99 -12.24
C TYR A 397 -10.04 0.16 -11.93
C TYR A 397 -10.06 0.20 -11.90
N HIS A 398 -8.86 -0.06 -11.36
CA HIS A 398 -7.89 1.03 -11.20
C HIS A 398 -7.58 1.70 -12.54
N ILE A 399 -7.59 0.93 -13.63
CA ILE A 399 -7.22 1.47 -14.94
C ILE A 399 -8.20 2.54 -15.40
N ASP A 400 -9.44 2.45 -14.94
CA ASP A 400 -10.50 3.36 -15.35
C ASP A 400 -10.36 4.73 -14.73
N ARG A 401 -9.41 4.89 -13.80
CA ARG A 401 -9.11 6.20 -13.27
C ARG A 401 -8.36 7.09 -14.24
N GLY A 402 -7.68 6.45 -15.22
N GLY A 402 -7.50 6.52 -15.06
CA GLY A 402 -6.78 7.17 -16.14
CA GLY A 402 -6.63 7.33 -15.90
C GLY A 402 -6.69 6.78 -17.63
C GLY A 402 -6.78 7.09 -17.37
N TYR A 403 -7.37 5.72 -18.07
N TYR A 403 -7.47 6.00 -17.73
CA TYR A 403 -7.32 5.27 -19.46
CA TYR A 403 -7.62 5.66 -19.13
C TYR A 403 -8.73 5.10 -20.00
C TYR A 403 -9.06 5.49 -19.52
N GLU A 404 -9.21 6.08 -20.76
N GLU A 404 -9.43 6.09 -20.65
CA GLU A 404 -10.53 6.03 -21.34
CA GLU A 404 -10.75 5.87 -21.14
C GLU A 404 -10.60 4.94 -22.43
C GLU A 404 -10.65 4.95 -22.35
N HIS A 405 -11.67 4.13 -22.47
CA HIS A 405 -11.84 3.18 -23.58
C HIS A 405 -10.62 2.32 -23.84
N VAL A 406 -9.99 1.85 -22.77
CA VAL A 406 -8.71 1.17 -22.90
C VAL A 406 -8.83 -0.12 -23.72
N GLU A 407 -9.88 -0.92 -23.46
CA GLU A 407 -10.10 -2.17 -24.25
C GLU A 407 -10.26 -1.88 -25.73
N GLU A 408 -11.08 -0.88 -26.04
N GLU A 408 -11.08 -0.87 -26.04
CA GLU A 408 -11.33 -0.53 -27.43
CA GLU A 408 -11.34 -0.48 -27.43
C GLU A 408 -10.05 -0.01 -28.12
C GLU A 408 -10.08 0.01 -28.13
N LYS A 409 -9.30 0.84 -27.42
CA LYS A 409 -8.08 1.38 -28.01
C LYS A 409 -7.06 0.27 -28.28
N LEU A 410 -6.92 -0.67 -27.33
CA LEU A 410 -5.99 -1.78 -27.54
C LEU A 410 -6.50 -2.75 -28.60
N GLN A 411 -7.81 -3.01 -28.60
CA GLN A 411 -8.39 -3.89 -29.63
C GLN A 411 -8.13 -3.35 -31.03
N GLY A 412 -8.16 -2.02 -31.16
CA GLY A 412 -7.88 -1.38 -32.45
C GLY A 412 -6.45 -1.61 -32.95
N LEU A 413 -5.55 -2.02 -32.05
CA LEU A 413 -4.16 -2.34 -32.39
C LEU A 413 -3.95 -3.83 -32.62
N GLY A 414 -5.02 -4.63 -32.50
CA GLY A 414 -4.95 -6.07 -32.66
C GLY A 414 -4.89 -6.87 -31.37
N ALA A 415 -4.97 -6.19 -30.22
CA ALA A 415 -4.86 -6.90 -28.94
C ALA A 415 -6.01 -7.86 -28.70
N LYS A 416 -5.68 -9.00 -28.08
CA LYS A 416 -6.66 -10.01 -27.68
C LYS A 416 -6.95 -9.72 -26.21
N ILE A 417 -7.93 -8.85 -25.99
CA ILE A 417 -8.26 -8.35 -24.66
C ILE A 417 -9.76 -8.28 -24.51
N LYS A 418 -10.25 -8.74 -23.36
CA LYS A 418 -11.66 -8.74 -23.05
C LYS A 418 -11.83 -8.30 -21.60
N ARG A 419 -12.78 -7.41 -21.35
CA ARG A 419 -13.17 -7.10 -20.00
C ARG A 419 -14.33 -8.00 -19.60
N VAL A 420 -14.21 -8.65 -18.44
CA VAL A 420 -15.35 -9.37 -17.86
C VAL A 420 -15.81 -8.59 -16.64
N SER A 421 -17.10 -8.27 -16.63
CA SER A 421 -17.66 -7.44 -15.56
C SER A 421 -19.15 -7.57 -15.44
N ASN B 2 -14.93 -9.94 4.47
CA ASN B 2 -16.01 -9.10 5.12
C ASN B 2 -15.71 -7.61 4.92
N ALA B 3 -15.46 -7.22 3.68
CA ALA B 3 -15.07 -5.85 3.34
C ALA B 3 -15.98 -4.72 3.85
N MET B 4 -17.26 -5.00 4.08
N MET B 4 -17.26 -5.03 4.08
CA MET B 4 -18.18 -3.95 4.56
CA MET B 4 -18.23 -4.03 4.54
C MET B 4 -18.20 -3.73 6.06
C MET B 4 -18.27 -3.76 6.05
N ASP B 5 -17.68 -4.64 6.87
CA ASP B 5 -17.73 -4.43 8.31
C ASP B 5 -17.06 -3.12 8.72
N LYS B 6 -17.64 -2.45 9.71
N LYS B 6 -17.63 -2.47 9.73
CA LYS B 6 -17.05 -1.25 10.30
CA LYS B 6 -17.07 -1.27 10.32
C LYS B 6 -17.18 -1.34 11.82
C LYS B 6 -17.15 -1.36 11.83
N PHE B 7 -16.33 -0.59 12.52
CA PHE B 7 -16.48 -0.40 13.95
C PHE B 7 -16.96 1.03 14.22
N LEU B 8 -17.90 1.15 15.17
N LEU B 8 -17.89 1.15 15.16
CA LEU B 8 -18.40 2.44 15.67
CA LEU B 8 -18.36 2.42 15.65
C LEU B 8 -17.95 2.53 17.12
C LEU B 8 -17.87 2.46 17.09
N ILE B 9 -17.08 3.48 17.42
CA ILE B 9 -16.50 3.60 18.77
C ILE B 9 -16.71 5.00 19.35
N THR B 10 -17.14 5.06 20.60
CA THR B 10 -17.20 6.33 21.33
C THR B 10 -15.98 6.35 22.24
N GLY B 11 -15.14 7.35 22.10
CA GLY B 11 -13.94 7.42 22.93
C GLY B 11 -14.19 8.02 24.30
N GLY B 12 -13.18 7.92 25.16
CA GLY B 12 -13.20 8.60 26.44
C GLY B 12 -13.39 7.77 27.69
N VAL B 13 -13.57 6.46 27.54
CA VAL B 13 -13.71 5.58 28.69
C VAL B 13 -12.33 5.14 29.16
N LYS B 14 -12.09 5.28 30.45
CA LYS B 14 -10.87 4.77 31.07
C LYS B 14 -11.09 3.25 31.19
N LEU B 15 -10.37 2.48 30.39
CA LEU B 15 -10.59 1.04 30.33
C LEU B 15 -10.06 0.33 31.55
N GLU B 16 -10.81 -0.66 32.04
CA GLU B 16 -10.43 -1.39 33.22
C GLU B 16 -10.95 -2.80 33.17
N GLY B 17 -10.07 -3.76 33.43
CA GLY B 17 -10.50 -5.15 33.54
C GLY B 17 -9.44 -6.11 33.11
N GLU B 18 -9.88 -7.29 32.71
CA GLU B 18 -8.97 -8.34 32.30
C GLU B 18 -9.34 -8.88 30.94
N VAL B 19 -8.32 -9.39 30.25
N VAL B 19 -8.35 -9.40 30.24
CA VAL B 19 -8.43 -9.99 28.93
CA VAL B 19 -8.57 -10.07 28.99
C VAL B 19 -7.64 -11.30 28.91
C VAL B 19 -7.71 -11.32 29.01
N ARG B 20 -8.28 -12.39 28.47
CA ARG B 20 -7.58 -13.65 28.27
C ARG B 20 -6.92 -13.61 26.90
N ILE B 21 -5.60 -13.79 26.89
CA ILE B 21 -4.84 -13.80 25.66
C ILE B 21 -4.97 -15.14 24.96
N SER B 22 -5.16 -15.07 23.65
CA SER B 22 -5.31 -16.22 22.80
C SER B 22 -3.94 -16.72 22.30
N GLY B 23 -3.93 -17.90 21.66
CA GLY B 23 -2.72 -18.38 21.05
C GLY B 23 -2.24 -17.42 19.96
N ALA B 24 -0.93 -17.38 19.79
CA ALA B 24 -0.31 -16.49 18.82
C ALA B 24 -0.71 -16.82 17.40
N LYS B 25 -1.27 -15.84 16.70
CA LYS B 25 -1.53 -15.99 15.29
C LYS B 25 -0.26 -16.43 14.57
N ASN B 26 0.86 -15.77 14.90
CA ASN B 26 2.11 -16.03 14.21
C ASN B 26 2.78 -17.36 14.56
N ALA B 27 2.33 -18.02 15.62
CA ALA B 27 2.77 -19.40 15.89
C ALA B 27 1.77 -20.39 15.31
N ALA B 28 0.48 -20.08 15.37
CA ALA B 28 -0.51 -21.02 14.86
C ALA B 28 -0.26 -21.37 13.40
N LEU B 29 0.14 -20.39 12.58
CA LEU B 29 0.32 -20.67 11.15
C LEU B 29 1.46 -21.68 10.89
N PRO B 30 2.69 -21.46 11.41
CA PRO B 30 3.70 -22.49 11.16
C PRO B 30 3.38 -23.83 11.84
N LEU B 31 2.74 -23.80 13.01
CA LEU B 31 2.38 -25.06 13.68
C LEU B 31 1.37 -25.84 12.84
N LEU B 32 0.41 -25.14 12.21
CA LEU B 32 -0.54 -25.80 11.33
C LEU B 32 0.19 -26.44 10.16
N ALA B 33 1.10 -25.69 9.52
CA ALA B 33 1.87 -26.25 8.41
C ALA B 33 2.66 -27.49 8.86
N ALA B 34 3.21 -27.45 10.08
CA ALA B 34 4.00 -28.57 10.59
C ALA B 34 3.18 -29.84 10.75
N MET B 35 1.86 -29.72 10.85
CA MET B 35 1.01 -30.91 10.94
C MET B 35 1.17 -31.80 9.72
N ILE B 36 1.54 -31.23 8.59
CA ILE B 36 1.79 -32.01 7.38
C ILE B 36 2.86 -33.09 7.59
N LEU B 37 3.78 -32.84 8.52
CA LEU B 37 4.86 -33.79 8.82
C LEU B 37 4.45 -34.98 9.67
N ALA B 38 3.31 -34.89 10.34
CA ALA B 38 2.94 -35.89 11.35
C ALA B 38 2.45 -37.19 10.74
N ASP B 39 3.07 -38.31 11.12
CA ASP B 39 2.65 -39.63 10.61
C ASP B 39 1.59 -40.32 11.45
N SER B 40 1.07 -39.62 12.47
CA SER B 40 -0.06 -40.08 13.25
C SER B 40 -0.87 -38.82 13.60
N PRO B 41 -2.11 -38.99 14.08
CA PRO B 41 -2.93 -37.80 14.29
C PRO B 41 -2.32 -36.75 15.21
N ILE B 42 -2.55 -35.50 14.87
CA ILE B 42 -1.96 -34.40 15.61
C ILE B 42 -3.06 -33.43 16.01
N THR B 43 -2.94 -32.89 17.22
CA THR B 43 -3.91 -31.97 17.79
C THR B 43 -3.23 -30.71 18.29
N LEU B 44 -3.71 -29.55 17.82
N LEU B 44 -3.75 -29.57 17.87
CA LEU B 44 -3.26 -28.24 18.33
CA LEU B 44 -3.26 -28.29 18.32
C LEU B 44 -4.37 -27.59 19.12
C LEU B 44 -4.38 -27.68 19.16
N THR B 45 -4.04 -27.12 20.31
CA THR B 45 -5.01 -26.41 21.15
C THR B 45 -4.54 -24.98 21.33
N ASN B 46 -5.41 -24.18 21.94
CA ASN B 46 -5.18 -22.73 22.09
C ASN B 46 -5.05 -22.05 20.72
N VAL B 47 -5.78 -22.56 19.73
CA VAL B 47 -5.73 -22.00 18.39
C VAL B 47 -6.76 -20.87 18.29
N PRO B 48 -6.32 -19.66 17.91
CA PRO B 48 -7.23 -18.52 17.82
C PRO B 48 -8.10 -18.61 16.55
N ASN B 49 -9.37 -18.18 16.64
CA ASN B 49 -10.31 -18.25 15.50
C ASN B 49 -10.14 -16.98 14.69
N LEU B 50 -9.18 -17.06 13.79
CA LEU B 50 -8.74 -15.95 12.96
C LEU B 50 -8.88 -16.29 11.51
N LYS B 51 -9.00 -15.26 10.68
CA LYS B 51 -9.11 -15.48 9.24
C LYS B 51 -7.92 -16.30 8.72
N ASP B 52 -6.71 -15.95 9.14
CA ASP B 52 -5.52 -16.63 8.61
C ASP B 52 -5.46 -18.10 9.01
N VAL B 53 -5.92 -18.40 10.22
CA VAL B 53 -6.01 -19.79 10.67
C VAL B 53 -6.99 -20.54 9.78
N ASN B 54 -8.16 -19.95 9.56
CA ASN B 54 -9.16 -20.60 8.72
C ASN B 54 -8.64 -20.83 7.29
N THR B 55 -7.89 -19.86 6.75
CA THR B 55 -7.34 -20.03 5.42
C THR B 55 -6.36 -21.20 5.37
N LEU B 56 -5.50 -21.31 6.36
N LEU B 56 -5.44 -21.30 6.34
CA LEU B 56 -4.53 -22.38 6.33
CA LEU B 56 -4.49 -22.45 6.36
C LEU B 56 -5.20 -23.75 6.59
C LEU B 56 -5.20 -23.78 6.59
N VAL B 57 -6.22 -23.78 7.44
CA VAL B 57 -6.99 -25.01 7.65
C VAL B 57 -7.64 -25.44 6.32
N LYS B 58 -8.16 -24.48 5.58
CA LYS B 58 -8.76 -24.76 4.26
C LYS B 58 -7.70 -25.29 3.29
N LEU B 59 -6.53 -24.66 3.26
CA LEU B 59 -5.44 -25.10 2.41
C LEU B 59 -5.05 -26.54 2.72
N ILE B 60 -4.85 -26.83 3.99
CA ILE B 60 -4.43 -28.16 4.39
C ILE B 60 -5.50 -29.20 4.04
N GLY B 61 -6.77 -28.87 4.27
CA GLY B 61 -7.86 -29.75 3.85
C GLY B 61 -7.83 -30.01 2.34
N GLY B 62 -7.46 -28.99 1.58
CA GLY B 62 -7.35 -29.12 0.14
C GLY B 62 -6.25 -30.04 -0.35
N LEU B 63 -5.28 -30.35 0.52
CA LEU B 63 -4.26 -31.35 0.24
C LEU B 63 -4.81 -32.77 0.40
N GLY B 64 -6.02 -32.87 0.96
CA GLY B 64 -6.63 -34.16 1.25
C GLY B 64 -6.51 -34.59 2.71
N VAL B 65 -5.76 -33.82 3.51
CA VAL B 65 -5.64 -34.10 4.95
C VAL B 65 -7.02 -34.01 5.60
N THR B 66 -7.36 -34.97 6.47
CA THR B 66 -8.61 -34.90 7.21
C THR B 66 -8.35 -33.96 8.37
N ILE B 67 -9.12 -32.89 8.44
CA ILE B 67 -8.87 -31.84 9.40
C ILE B 67 -10.17 -31.25 9.91
N SER B 68 -10.18 -31.00 11.21
CA SER B 68 -11.31 -30.44 11.91
C SER B 68 -10.83 -29.23 12.71
N TYR B 69 -11.64 -28.19 12.77
CA TYR B 69 -11.34 -27.04 13.60
C TYR B 69 -12.62 -26.68 14.34
N GLU B 70 -12.62 -26.94 15.65
CA GLU B 70 -13.76 -26.68 16.53
C GLU B 70 -13.23 -26.03 17.80
N ASN B 71 -13.90 -24.96 18.23
CA ASN B 71 -13.48 -24.18 19.39
C ASN B 71 -12.02 -23.71 19.19
N ASP B 72 -11.13 -24.08 20.09
CA ASP B 72 -9.74 -23.67 19.99
C ASP B 72 -8.86 -24.84 19.55
N THR B 73 -9.45 -25.85 18.92
CA THR B 73 -8.72 -27.10 18.69
C THR B 73 -8.74 -27.56 17.24
N VAL B 74 -7.55 -27.78 16.67
CA VAL B 74 -7.43 -28.31 15.33
C VAL B 74 -6.91 -29.72 15.44
N LYS B 75 -7.57 -30.66 14.80
N LYS B 75 -7.63 -30.65 14.80
CA LYS B 75 -7.08 -32.03 14.74
CA LYS B 75 -7.29 -32.07 14.78
C LYS B 75 -6.86 -32.36 13.28
C LYS B 75 -7.10 -32.50 13.33
N ALA B 76 -5.75 -33.05 12.98
N ALA B 76 -5.96 -33.12 13.05
CA ALA B 76 -5.40 -33.41 11.61
CA ALA B 76 -5.69 -33.53 11.68
C ALA B 76 -4.87 -34.83 11.52
C ALA B 76 -5.07 -34.92 11.58
N ASP B 77 -5.24 -35.48 10.44
N ASP B 77 -5.37 -35.60 10.47
CA ASP B 77 -4.82 -36.84 10.13
CA ASP B 77 -4.71 -36.85 10.14
C ASP B 77 -4.36 -36.82 8.66
C ASP B 77 -4.33 -36.79 8.68
N THR B 78 -3.04 -36.87 8.45
CA THR B 78 -2.49 -36.83 7.12
C THR B 78 -2.59 -38.14 6.32
N SER B 79 -3.17 -39.18 6.90
N SER B 79 -3.21 -39.18 6.90
CA SER B 79 -3.28 -40.46 6.18
CA SER B 79 -3.35 -40.47 6.22
C SER B 79 -3.97 -40.29 4.83
C SER B 79 -4.09 -40.38 4.90
N THR B 80 -4.91 -39.34 4.76
CA THR B 80 -5.68 -39.11 3.54
C THR B 80 -5.07 -38.09 2.58
N LEU B 81 -3.92 -37.51 2.92
CA LEU B 81 -3.28 -36.53 2.03
C LEU B 81 -3.08 -37.16 0.68
N ASP B 82 -3.42 -36.42 -0.37
CA ASP B 82 -3.35 -36.95 -1.72
C ASP B 82 -2.69 -36.02 -2.74
N ASN B 83 -2.37 -34.78 -2.36
CA ASN B 83 -1.68 -33.88 -3.27
C ASN B 83 -0.79 -32.95 -2.46
N GLN B 84 0.09 -32.24 -3.16
CA GLN B 84 1.02 -31.27 -2.55
C GLN B 84 0.88 -29.93 -3.22
N PHE B 85 -0.36 -29.50 -3.43
CA PHE B 85 -0.67 -28.32 -4.22
C PHE B 85 -1.39 -27.25 -3.42
N ALA B 86 -0.83 -26.03 -3.43
CA ALA B 86 -1.42 -24.87 -2.76
C ALA B 86 -1.84 -23.87 -3.84
N PRO B 87 -3.16 -23.72 -4.04
CA PRO B 87 -3.65 -22.92 -5.16
C PRO B 87 -3.52 -21.42 -4.98
N TYR B 88 -3.44 -20.74 -6.11
CA TYR B 88 -3.42 -19.30 -6.19
C TYR B 88 -4.41 -18.61 -5.28
N GLU B 89 -5.66 -19.10 -5.34
N GLU B 89 -5.64 -19.05 -5.20
CA GLU B 89 -6.85 -18.50 -4.68
CA GLU B 89 -6.52 -18.31 -4.32
C GLU B 89 -6.69 -18.34 -3.18
C GLU B 89 -6.00 -18.21 -2.88
N LEU B 90 -5.97 -19.28 -2.56
N LEU B 90 -5.40 -19.29 -2.37
CA LEU B 90 -5.68 -19.20 -1.13
CA LEU B 90 -4.98 -19.32 -0.98
C LEU B 90 -4.39 -18.44 -0.89
C LEU B 90 -3.69 -18.54 -0.67
N VAL B 91 -3.33 -18.75 -1.64
N VAL B 91 -2.75 -18.50 -1.62
CA VAL B 91 -2.03 -18.11 -1.43
CA VAL B 91 -1.54 -17.72 -1.40
C VAL B 91 -2.08 -16.58 -1.60
C VAL B 91 -1.85 -16.26 -1.67
N LYS B 92 -2.87 -16.09 -2.55
N LYS B 92 -2.73 -16.00 -2.61
CA LYS B 92 -3.03 -14.66 -2.74
CA LYS B 92 -3.05 -14.63 -2.94
C LYS B 92 -3.74 -14.04 -1.51
C LYS B 92 -3.39 -13.86 -1.67
N THR B 93 -4.45 -14.88 -0.76
N THR B 93 -4.16 -14.50 -0.78
CA THR B 93 -5.11 -14.48 0.49
CA THR B 93 -4.69 -13.83 0.40
C THR B 93 -4.07 -14.22 1.59
C THR B 93 -3.78 -13.78 1.62
N MET B 94 -2.95 -14.95 1.57
N MET B 94 -2.78 -14.65 1.67
CA MET B 94 -2.00 -14.90 2.69
CA MET B 94 -1.85 -14.62 2.77
C MET B 94 -0.61 -15.45 2.30
C MET B 94 -0.63 -15.38 2.39
N ARG B 95 0.45 -14.63 2.39
CA ARG B 95 1.81 -15.10 2.12
C ARG B 95 2.18 -16.33 2.90
N ALA B 96 1.72 -16.39 4.16
CA ALA B 96 2.09 -17.48 5.05
C ALA B 96 1.65 -18.85 4.56
N SER B 97 0.77 -18.90 3.57
CA SER B 97 0.45 -20.17 2.90
C SER B 97 1.74 -20.84 2.39
N ILE B 98 2.79 -20.06 2.10
CA ILE B 98 4.08 -20.61 1.63
C ILE B 98 4.73 -21.56 2.63
N LEU B 99 4.30 -21.50 3.90
CA LEU B 99 4.84 -22.36 4.94
C LEU B 99 4.57 -23.84 4.71
N VAL B 100 3.66 -24.19 3.80
CA VAL B 100 3.47 -25.60 3.49
C VAL B 100 4.56 -26.13 2.56
N LEU B 101 5.33 -25.24 1.92
CA LEU B 101 6.32 -25.67 0.95
C LEU B 101 7.37 -26.61 1.55
N GLY B 102 7.96 -26.17 2.65
CA GLY B 102 8.99 -26.95 3.32
C GLY B 102 8.55 -28.35 3.75
N PRO B 103 7.44 -28.45 4.51
CA PRO B 103 7.06 -29.78 4.97
C PRO B 103 6.56 -30.68 3.84
N LEU B 104 5.85 -30.13 2.84
CA LEU B 104 5.43 -30.98 1.74
C LEU B 104 6.62 -31.54 0.99
N LEU B 105 7.59 -30.68 0.71
CA LEU B 105 8.77 -31.11 0.00
C LEU B 105 9.54 -32.16 0.79
N ALA B 106 9.72 -31.91 2.08
CA ALA B 106 10.54 -32.77 2.91
C ALA B 106 9.92 -34.15 3.13
N ARG B 107 8.59 -34.21 3.25
CA ARG B 107 7.94 -35.49 3.49
C ARG B 107 7.57 -36.23 2.22
N TYR B 108 7.12 -35.52 1.20
CA TYR B 108 6.61 -36.15 -0.02
C TYR B 108 7.50 -36.03 -1.23
N GLY B 109 8.53 -35.18 -1.17
CA GLY B 109 9.46 -35.02 -2.27
C GLY B 109 8.99 -34.09 -3.39
N ASN B 110 7.85 -33.43 -3.16
N ASN B 110 7.87 -33.41 -3.20
CA ASN B 110 7.17 -32.64 -4.18
CA ASN B 110 7.43 -32.46 -4.19
C ASN B 110 6.33 -31.55 -3.51
C ASN B 110 6.38 -31.57 -3.57
N ALA B 111 6.29 -30.35 -4.10
CA ALA B 111 5.38 -29.34 -3.62
C ALA B 111 5.18 -28.33 -4.73
N LYS B 112 3.95 -27.89 -4.95
CA LYS B 112 3.65 -26.89 -5.95
C LYS B 112 2.80 -25.84 -5.25
N VAL B 113 3.37 -24.64 -5.10
CA VAL B 113 2.75 -23.60 -4.29
C VAL B 113 2.75 -22.31 -5.08
N SER B 114 1.60 -21.64 -5.16
CA SER B 114 1.54 -20.39 -5.90
C SER B 114 2.56 -19.40 -5.34
N LEU B 115 3.24 -18.68 -6.24
CA LEU B 115 4.22 -17.68 -5.84
C LEU B 115 3.48 -16.51 -5.21
N PRO B 116 3.80 -16.15 -3.95
CA PRO B 116 3.11 -15.01 -3.35
C PRO B 116 3.30 -13.72 -4.13
N GLY B 117 2.22 -12.95 -4.20
CA GLY B 117 2.25 -11.62 -4.78
C GLY B 117 2.60 -10.60 -3.71
N GLY B 118 2.05 -9.41 -3.81
CA GLY B 118 2.37 -8.34 -2.87
C GLY B 118 1.77 -8.52 -1.48
N CYS B 119 2.41 -7.86 -0.52
CA CYS B 119 1.98 -7.76 0.88
C CYS B 119 1.67 -6.29 1.09
N ALA B 120 0.51 -5.96 1.66
CA ALA B 120 0.12 -4.56 1.78
C ALA B 120 1.15 -3.68 2.48
N ILE B 121 1.77 -4.22 3.53
CA ILE B 121 2.74 -3.44 4.32
C ILE B 121 4.18 -3.50 3.78
N GLY B 122 4.36 -4.14 2.62
CA GLY B 122 5.61 -4.06 1.87
C GLY B 122 6.63 -5.06 2.30
N SER B 123 6.48 -6.30 1.83
N SER B 123 6.50 -6.30 1.84
CA SER B 123 7.35 -7.44 2.20
CA SER B 123 7.41 -7.36 2.24
C SER B 123 8.44 -7.73 1.19
C SER B 123 8.55 -7.58 1.25
N ARG B 124 9.45 -8.46 1.65
CA ARG B 124 10.54 -8.93 0.77
C ARG B 124 9.90 -10.09 -0.03
N PRO B 125 10.45 -10.45 -1.21
CA PRO B 125 10.00 -11.66 -1.92
C PRO B 125 10.39 -12.92 -1.13
N VAL B 126 10.03 -14.11 -1.63
CA VAL B 126 10.33 -15.35 -0.89
C VAL B 126 11.66 -15.99 -1.31
N ASP B 127 12.52 -15.22 -1.99
CA ASP B 127 13.80 -15.73 -2.45
C ASP B 127 14.61 -16.49 -1.40
N GLN B 128 14.65 -15.99 -0.17
N GLN B 128 14.65 -15.99 -0.17
CA GLN B 128 15.45 -16.63 0.88
CA GLN B 128 15.43 -16.63 0.87
C GLN B 128 14.89 -18.01 1.25
C GLN B 128 14.88 -18.00 1.29
N HIS B 129 13.57 -18.18 1.18
CA HIS B 129 12.96 -19.49 1.46
C HIS B 129 13.46 -20.49 0.42
N LEU B 130 13.43 -20.07 -0.84
CA LEU B 130 13.82 -20.95 -1.95
C LEU B 130 15.31 -21.28 -1.91
N LYS B 131 16.13 -20.28 -1.64
CA LYS B 131 17.57 -20.49 -1.53
C LYS B 131 17.90 -21.50 -0.41
N ALA B 132 17.21 -21.37 0.71
CA ALA B 132 17.42 -22.27 1.84
C ALA B 132 17.07 -23.71 1.44
N LEU B 133 15.93 -23.89 0.77
CA LEU B 133 15.52 -25.23 0.33
C LEU B 133 16.50 -25.82 -0.69
N GLU B 134 17.01 -24.97 -1.59
CA GLU B 134 18.03 -25.43 -2.53
C GLU B 134 19.30 -25.91 -1.81
N ALA B 135 19.61 -25.30 -0.68
CA ALA B 135 20.79 -25.70 0.11
C ALA B 135 20.63 -27.12 0.65
N LEU B 136 19.38 -27.60 0.76
CA LEU B 136 19.09 -28.96 1.18
C LEU B 136 18.84 -29.93 0.02
N GLY B 137 19.13 -29.49 -1.21
CA GLY B 137 19.03 -30.35 -2.38
C GLY B 137 17.78 -30.22 -3.21
N ALA B 138 16.91 -29.28 -2.88
CA ALA B 138 15.70 -29.09 -3.66
C ALA B 138 16.00 -28.52 -5.02
N HIS B 139 15.23 -28.98 -6.02
CA HIS B 139 15.23 -28.36 -7.33
C HIS B 139 13.98 -27.50 -7.38
N ILE B 140 14.14 -26.22 -7.70
CA ILE B 140 13.02 -25.29 -7.68
C ILE B 140 12.89 -24.58 -9.03
N GLU B 141 11.69 -24.65 -9.59
N GLU B 141 11.66 -24.53 -9.56
CA GLU B 141 11.34 -23.92 -10.78
CA GLU B 141 11.37 -23.88 -10.83
C GLU B 141 10.23 -22.99 -10.36
C GLU B 141 10.08 -23.08 -10.73
N VAL B 142 10.32 -21.75 -10.81
N VAL B 142 10.03 -21.91 -11.37
CA VAL B 142 9.28 -20.79 -10.55
CA VAL B 142 8.79 -21.13 -11.39
C VAL B 142 8.77 -20.44 -11.94
C VAL B 142 8.17 -21.22 -12.78
N GLU B 143 7.55 -20.85 -12.26
N GLU B 143 6.95 -21.72 -12.83
CA GLU B 143 6.96 -20.58 -13.58
CA GLU B 143 6.23 -21.88 -14.08
C GLU B 143 5.44 -20.72 -13.57
C GLU B 143 4.83 -21.37 -13.91
N ASN B 144 4.79 -20.04 -14.53
N ASN B 144 4.47 -20.32 -14.66
CA ASN B 144 3.31 -19.90 -14.65
CA ASN B 144 3.10 -19.94 -14.67
C ASN B 144 2.69 -19.52 -13.29
C ASN B 144 2.60 -19.46 -13.31
N GLY B 145 3.44 -18.75 -12.51
N GLY B 145 3.48 -18.83 -12.55
CA GLY B 145 2.94 -18.29 -11.24
CA GLY B 145 3.09 -18.27 -11.27
C GLY B 145 2.99 -19.30 -10.11
C GLY B 145 3.18 -19.22 -10.08
N TYR B 146 3.70 -20.42 -10.30
CA TYR B 146 3.84 -21.44 -9.28
C TYR B 146 5.27 -21.80 -9.01
N VAL B 147 5.59 -22.01 -7.74
N VAL B 147 5.57 -21.95 -7.71
CA VAL B 147 6.87 -22.61 -7.36
CA VAL B 147 6.82 -22.47 -7.17
C VAL B 147 6.69 -24.13 -7.44
C VAL B 147 6.67 -23.99 -7.10
N HIS B 148 7.52 -24.78 -8.25
N HIS B 148 7.46 -24.72 -7.87
CA HIS B 148 7.56 -26.22 -8.39
CA HIS B 148 7.37 -26.18 -7.85
C HIS B 148 8.85 -26.65 -7.70
C HIS B 148 8.71 -26.77 -7.41
N ALA B 149 8.71 -27.38 -6.59
N ALA B 149 8.76 -27.25 -6.17
CA ALA B 149 9.85 -27.85 -5.81
CA ALA B 149 9.98 -27.81 -5.59
C ALA B 149 9.84 -29.36 -5.81
C ALA B 149 9.91 -29.33 -5.58
N THR B 150 10.99 -29.96 -6.05
CA THR B 150 11.09 -31.43 -6.08
C THR B 150 12.45 -31.87 -5.53
N VAL B 151 12.47 -33.11 -5.09
CA VAL B 151 13.71 -33.76 -4.66
C VAL B 151 13.46 -35.27 -4.78
N ASP B 152 14.49 -36.03 -5.19
CA ASP B 152 14.35 -37.49 -5.24
C ASP B 152 14.80 -37.99 -3.87
N GLY B 153 13.90 -38.69 -3.19
CA GLY B 153 14.16 -39.17 -1.86
C GLY B 153 14.11 -38.00 -0.91
N ARG B 154 14.82 -38.14 0.20
N ARG B 154 14.85 -38.12 0.18
CA ARG B 154 14.85 -37.11 1.23
CA ARG B 154 14.90 -37.07 1.18
C ARG B 154 15.78 -35.96 0.86
C ARG B 154 15.71 -35.89 0.73
N LEU B 155 15.48 -34.77 1.40
CA LEU B 155 16.35 -33.64 1.32
C LEU B 155 17.64 -34.08 2.04
N LYS B 156 18.74 -33.39 1.78
CA LYS B 156 20.02 -33.71 2.38
C LYS B 156 20.46 -32.60 3.30
N GLY B 157 20.95 -32.97 4.48
CA GLY B 157 21.42 -31.97 5.43
C GLY B 157 22.42 -31.05 4.77
N GLY B 158 22.32 -29.77 5.09
CA GLY B 158 23.15 -28.78 4.44
C GLY B 158 23.39 -27.57 5.30
N GLU B 159 24.08 -26.61 4.72
CA GLU B 159 24.41 -25.38 5.40
C GLU B 159 23.52 -24.27 4.86
N VAL B 160 22.65 -23.77 5.72
CA VAL B 160 21.70 -22.72 5.38
C VAL B 160 22.16 -21.43 6.05
N VAL B 161 22.23 -20.33 5.30
N VAL B 161 22.15 -20.36 5.27
CA VAL B 161 22.53 -19.05 5.93
CA VAL B 161 22.54 -19.04 5.72
C VAL B 161 21.63 -17.99 5.32
C VAL B 161 21.48 -18.08 5.25
N PHE B 162 20.90 -17.31 6.19
CA PHE B 162 20.00 -16.24 5.79
C PHE B 162 20.77 -14.94 5.72
N ASP B 163 20.67 -14.26 4.58
CA ASP B 163 21.38 -13.00 4.37
C ASP B 163 20.69 -11.83 5.10
N MET B 164 19.42 -12.03 5.43
N MET B 164 19.43 -12.02 5.45
CA MET B 164 18.59 -11.09 6.15
CA MET B 164 18.65 -11.05 6.23
C MET B 164 17.73 -11.95 7.07
C MET B 164 17.70 -11.91 7.05
N VAL B 165 17.35 -11.44 8.25
CA VAL B 165 16.49 -12.22 9.12
C VAL B 165 15.13 -12.39 8.48
N THR B 166 14.68 -13.65 8.41
CA THR B 166 13.37 -13.96 7.88
C THR B 166 12.69 -14.96 8.80
N VAL B 167 11.59 -14.54 9.41
CA VAL B 167 10.84 -15.41 10.30
C VAL B 167 10.25 -16.59 9.51
N GLY B 168 9.58 -16.30 8.41
CA GLY B 168 8.98 -17.37 7.63
C GLY B 168 10.00 -18.28 6.99
N GLY B 169 11.11 -17.74 6.54
CA GLY B 169 12.16 -18.58 5.95
C GLY B 169 12.73 -19.53 6.99
N THR B 170 12.93 -19.02 8.20
CA THR B 170 13.43 -19.87 9.30
C THR B 170 12.43 -20.99 9.57
N GLU B 171 11.15 -20.68 9.63
CA GLU B 171 10.13 -21.69 9.86
C GLU B 171 10.10 -22.76 8.77
N ASN B 172 10.11 -22.31 7.51
CA ASN B 172 10.03 -23.22 6.38
C ASN B 172 11.23 -24.17 6.39
N ILE B 173 12.42 -23.63 6.62
CA ILE B 173 13.60 -24.47 6.54
C ILE B 173 13.73 -25.39 7.74
N LEU B 174 13.25 -24.95 8.89
N LEU B 174 13.27 -24.95 8.91
CA LEU B 174 13.32 -25.79 10.08
CA LEU B 174 13.27 -25.82 10.11
C LEU B 174 12.44 -27.04 9.90
C LEU B 174 12.45 -27.06 9.85
N MET B 175 11.24 -26.85 9.35
CA MET B 175 10.36 -27.98 9.05
C MET B 175 10.99 -28.92 8.03
N ALA B 176 11.57 -28.36 6.97
CA ALA B 176 12.19 -29.18 5.95
C ALA B 176 13.40 -29.96 6.49
N ALA B 177 14.24 -29.28 7.24
CA ALA B 177 15.45 -29.89 7.78
C ALA B 177 15.12 -31.03 8.73
N ALA B 178 13.97 -30.95 9.40
CA ALA B 178 13.61 -31.97 10.38
C ALA B 178 13.50 -33.38 9.77
N LEU B 179 13.22 -33.49 8.47
CA LEU B 179 13.12 -34.78 7.78
C LEU B 179 14.25 -35.03 6.79
N ALA B 180 15.24 -34.16 6.76
CA ALA B 180 16.35 -34.34 5.83
C ALA B 180 17.26 -35.47 6.29
N ASP B 181 18.07 -35.98 5.38
CA ASP B 181 19.03 -37.00 5.68
C ASP B 181 20.32 -36.28 6.07
N GLY B 182 20.58 -36.25 7.37
CA GLY B 182 21.78 -35.63 7.89
C GLY B 182 21.54 -34.39 8.73
N VAL B 183 22.64 -33.68 8.97
CA VAL B 183 22.64 -32.52 9.86
C VAL B 183 22.59 -31.24 9.05
N THR B 184 21.71 -30.33 9.45
CA THR B 184 21.58 -29.02 8.85
C THR B 184 21.92 -27.96 9.88
N THR B 185 22.77 -27.01 9.47
N THR B 185 22.70 -26.97 9.46
CA THR B 185 23.02 -25.82 10.26
CA THR B 185 23.08 -25.86 10.30
C THR B 185 22.22 -24.69 9.62
C THR B 185 22.43 -24.59 9.70
N ILE B 186 21.56 -23.92 10.46
CA ILE B 186 20.79 -22.75 10.01
C ILE B 186 21.37 -21.55 10.72
N ARG B 187 22.07 -20.70 9.97
N ARG B 187 22.11 -20.71 9.97
CA ARG B 187 22.68 -19.50 10.56
CA ARG B 187 22.76 -19.52 10.51
C ARG B 187 21.93 -18.25 10.21
C ARG B 187 21.97 -18.25 10.19
N ASN B 188 22.02 -17.30 11.12
CA ASN B 188 21.21 -16.08 11.09
C ASN B 188 19.72 -16.42 11.14
N ALA B 189 19.40 -17.45 11.94
CA ALA B 189 18.02 -17.85 12.17
C ALA B 189 17.29 -16.79 12.95
N ALA B 190 16.02 -16.59 12.62
CA ALA B 190 15.19 -15.72 13.44
C ALA B 190 15.04 -16.31 14.84
N ARG B 191 15.01 -15.42 15.83
CA ARG B 191 14.87 -15.77 17.26
C ARG B 191 13.48 -15.49 17.81
N GLU B 192 12.56 -15.07 16.95
CA GLU B 192 11.19 -14.82 17.38
C GLU B 192 10.67 -16.03 18.16
N PRO B 193 9.90 -15.81 19.20
N PRO B 193 9.86 -15.79 19.23
CA PRO B 193 9.52 -16.99 19.99
CA PRO B 193 9.34 -16.90 20.06
C PRO B 193 8.58 -17.95 19.27
C PRO B 193 8.49 -17.91 19.33
N GLU B 194 7.95 -17.52 18.18
CA GLU B 194 7.17 -18.44 17.37
C GLU B 194 8.08 -19.49 16.73
N ILE B 195 9.34 -19.14 16.43
CA ILE B 195 10.30 -20.13 15.96
C ILE B 195 10.53 -21.17 17.05
N THR B 196 10.74 -20.70 18.27
CA THR B 196 10.97 -21.60 19.39
C THR B 196 9.77 -22.50 19.61
N ASP B 197 8.56 -21.97 19.48
CA ASP B 197 7.35 -22.77 19.65
C ASP B 197 7.27 -23.86 18.59
N LEU B 198 7.53 -23.49 17.33
CA LEU B 198 7.58 -24.48 16.26
C LEU B 198 8.64 -25.56 16.56
N ALA B 199 9.83 -25.14 16.98
CA ALA B 199 10.89 -26.08 17.28
C ALA B 199 10.47 -27.05 18.38
N GLN B 200 9.84 -26.53 19.43
N GLN B 200 9.82 -26.51 19.42
CA GLN B 200 9.39 -27.39 20.53
CA GLN B 200 9.40 -27.35 20.54
C GLN B 200 8.36 -28.39 20.07
C GLN B 200 8.30 -28.34 20.16
N MET B 201 7.42 -27.98 19.23
CA MET B 201 6.45 -28.96 18.74
C MET B 201 7.17 -30.00 17.88
N LEU B 202 8.07 -29.56 17.00
CA LEU B 202 8.81 -30.52 16.19
C LEU B 202 9.55 -31.53 17.08
N ILE B 203 10.20 -31.04 18.15
CA ILE B 203 10.87 -31.91 19.11
C ILE B 203 9.88 -32.90 19.74
N LYS B 204 8.68 -32.43 20.09
N LYS B 204 8.68 -32.43 20.07
CA LYS B 204 7.68 -33.31 20.66
CA LYS B 204 7.67 -33.31 20.65
C LYS B 204 7.29 -34.41 19.65
C LYS B 204 7.17 -34.36 19.66
N MET B 205 7.33 -34.07 18.37
CA MET B 205 7.00 -35.00 17.28
C MET B 205 8.16 -35.94 16.93
N GLY B 206 9.31 -35.78 17.58
CA GLY B 206 10.46 -36.63 17.35
C GLY B 206 11.66 -35.98 16.70
N ALA B 207 11.62 -34.68 16.46
CA ALA B 207 12.75 -34.01 15.80
C ALA B 207 13.91 -33.81 16.76
N LYS B 208 15.06 -33.52 16.17
CA LYS B 208 16.31 -33.29 16.90
C LYS B 208 16.81 -31.92 16.51
N ILE B 209 16.66 -30.96 17.44
CA ILE B 209 17.01 -29.57 17.16
C ILE B 209 17.74 -28.98 18.36
N GLU B 210 18.93 -28.44 18.09
CA GLU B 210 19.74 -27.72 19.07
C GLU B 210 19.78 -26.25 18.72
N GLY B 211 20.06 -25.42 19.73
CA GLY B 211 20.21 -23.98 19.53
C GLY B 211 18.94 -23.16 19.67
N LEU B 212 17.92 -23.71 20.33
CA LEU B 212 16.68 -22.95 20.48
C LEU B 212 16.94 -21.60 21.17
N ASP B 213 16.20 -20.59 20.69
CA ASP B 213 16.30 -19.20 21.17
C ASP B 213 17.59 -18.50 20.76
N THR B 214 18.37 -19.12 19.86
CA THR B 214 19.59 -18.51 19.34
C THR B 214 19.49 -18.37 17.82
N ASP B 215 20.47 -17.67 17.27
CA ASP B 215 20.54 -17.47 15.82
C ASP B 215 21.18 -18.62 15.05
N THR B 216 21.54 -19.70 15.74
CA THR B 216 22.14 -20.85 15.07
C THR B 216 21.41 -22.12 15.48
N LEU B 217 20.58 -22.64 14.58
CA LEU B 217 19.84 -23.87 14.83
C LEU B 217 20.59 -25.03 14.18
N VAL B 218 20.70 -26.15 14.89
CA VAL B 218 21.40 -27.33 14.38
C VAL B 218 20.40 -28.48 14.43
N VAL B 219 20.02 -28.96 13.25
CA VAL B 219 18.96 -29.95 13.13
C VAL B 219 19.54 -31.27 12.64
N THR B 220 19.21 -32.35 13.33
CA THR B 220 19.56 -33.69 12.85
C THR B 220 18.27 -34.28 12.30
N GLY B 221 18.22 -34.49 10.99
CA GLY B 221 17.02 -35.02 10.39
C GLY B 221 16.69 -36.42 10.88
N VAL B 222 15.39 -36.70 10.91
CA VAL B 222 14.89 -38.01 11.28
C VAL B 222 14.06 -38.56 10.13
N GLU B 223 13.84 -39.85 10.14
CA GLU B 223 13.10 -40.49 9.05
C GLU B 223 11.63 -40.10 9.01
N SER B 224 11.00 -40.02 10.18
CA SER B 224 9.61 -39.65 10.26
C SER B 224 9.33 -38.97 11.59
N LEU B 225 8.31 -38.13 11.56
CA LEU B 225 7.83 -37.45 12.74
C LEU B 225 6.43 -37.96 13.02
N HIS B 226 6.09 -38.04 14.29
N HIS B 226 6.06 -37.94 14.29
CA HIS B 226 4.78 -38.52 14.70
CA HIS B 226 4.79 -38.47 14.74
C HIS B 226 3.88 -37.36 15.14
C HIS B 226 3.90 -37.38 15.27
N GLY B 227 2.60 -37.65 15.31
CA GLY B 227 1.66 -36.70 15.86
C GLY B 227 1.87 -36.54 17.36
N CYS B 228 1.24 -35.51 17.89
CA CYS B 228 1.28 -35.20 19.30
C CYS B 228 0.14 -34.26 19.61
N GLU B 229 0.01 -33.86 20.87
N GLU B 229 0.03 -33.81 20.86
CA GLU B 229 -0.88 -32.79 21.24
CA GLU B 229 -0.93 -32.78 21.28
C GLU B 229 0.02 -31.62 21.62
C GLU B 229 -0.16 -31.58 21.81
N TYR B 230 -0.30 -30.43 21.14
CA TYR B 230 0.50 -29.26 21.42
C TYR B 230 -0.37 -28.01 21.59
N ALA B 231 -0.05 -27.16 22.54
CA ALA B 231 -0.79 -25.91 22.76
C ALA B 231 0.01 -24.74 22.22
N VAL B 232 -0.62 -23.93 21.38
CA VAL B 232 0.04 -22.76 20.80
C VAL B 232 0.48 -21.80 21.90
N VAL B 233 1.69 -21.25 21.78
CA VAL B 233 2.18 -20.23 22.71
C VAL B 233 1.25 -19.01 22.70
N ALA B 234 1.21 -18.30 23.81
CA ALA B 234 0.43 -17.07 23.90
C ALA B 234 0.86 -16.04 22.87
N ASP B 235 -0.09 -15.19 22.47
CA ASP B 235 0.15 -14.14 21.49
C ASP B 235 0.75 -12.89 22.16
N ARG B 236 2.05 -12.68 21.96
CA ARG B 236 2.72 -11.53 22.58
C ARG B 236 2.26 -10.19 21.99
N ILE B 237 1.83 -10.19 20.73
CA ILE B 237 1.38 -8.95 20.10
C ILE B 237 -0.03 -8.61 20.57
N GLU B 238 -0.91 -9.60 20.66
CA GLU B 238 -2.21 -9.36 21.25
C GLU B 238 -2.03 -8.83 22.68
N THR B 239 -1.09 -9.43 23.41
CA THR B 239 -0.82 -9.01 24.78
C THR B 239 -0.43 -7.53 24.83
N GLY B 240 0.56 -7.14 24.02
CA GLY B 240 0.97 -5.75 23.99
C GLY B 240 -0.15 -4.81 23.57
N SER B 241 -0.97 -5.27 22.64
CA SER B 241 -2.06 -4.46 22.11
C SER B 241 -3.09 -4.12 23.20
N TYR B 242 -3.47 -5.11 24.00
CA TYR B 242 -4.46 -4.85 25.07
C TYR B 242 -3.83 -4.04 26.20
N LEU B 243 -2.56 -4.27 26.52
CA LEU B 243 -1.90 -3.40 27.51
C LEU B 243 -1.84 -1.95 27.00
N ALA B 244 -1.66 -1.76 25.70
CA ALA B 244 -1.68 -0.44 25.11
C ALA B 244 -3.04 0.25 25.24
N ALA B 245 -4.11 -0.52 25.27
CA ALA B 245 -5.44 0.03 25.46
C ALA B 245 -5.56 0.66 26.86
N ALA B 246 -4.94 0.04 27.88
CA ALA B 246 -4.86 0.68 29.19
C ALA B 246 -4.02 1.94 29.10
N ALA B 247 -2.85 1.84 28.48
CA ALA B 247 -1.94 2.98 28.43
C ALA B 247 -2.59 4.20 27.79
N ILE B 248 -3.27 4.00 26.65
CA ILE B 248 -3.79 5.15 25.93
C ILE B 248 -4.99 5.79 26.62
N THR B 249 -5.74 5.01 27.42
CA THR B 249 -6.92 5.54 28.08
C THR B 249 -6.69 5.89 29.56
N GLY B 250 -5.46 5.71 30.06
CA GLY B 250 -5.17 5.97 31.47
C GLY B 250 -5.67 4.89 32.42
N GLY B 251 -6.08 3.75 31.84
CA GLY B 251 -6.71 2.69 32.60
C GLY B 251 -5.81 1.61 33.14
N ARG B 252 -6.42 0.46 33.41
CA ARG B 252 -5.75 -0.64 34.07
C ARG B 252 -6.26 -1.92 33.44
N VAL B 253 -5.37 -2.66 32.78
CA VAL B 253 -5.74 -3.90 32.10
C VAL B 253 -4.79 -5.00 32.50
N LYS B 254 -5.36 -6.15 32.89
CA LYS B 254 -4.60 -7.35 33.19
C LYS B 254 -4.80 -8.34 32.04
N THR B 255 -3.70 -8.75 31.42
CA THR B 255 -3.72 -9.76 30.39
C THR B 255 -3.32 -11.09 31.01
N THR B 256 -4.21 -12.08 30.94
CA THR B 256 -3.97 -13.40 31.49
C THR B 256 -3.62 -14.39 30.39
N HIS B 257 -3.12 -15.56 30.80
CA HIS B 257 -2.76 -16.63 29.85
C HIS B 257 -1.70 -16.15 28.86
N THR B 258 -0.71 -15.45 29.38
CA THR B 258 0.34 -14.91 28.54
C THR B 258 1.70 -15.20 29.17
N ASP B 259 2.75 -14.49 28.75
CA ASP B 259 4.10 -14.75 29.23
C ASP B 259 4.89 -13.48 29.02
N PRO B 260 5.16 -12.73 30.08
CA PRO B 260 5.87 -11.47 29.89
C PRO B 260 7.27 -11.61 29.30
N SER B 261 7.88 -12.80 29.41
N SER B 261 7.95 -12.74 29.47
CA SER B 261 9.19 -13.03 28.81
CA SER B 261 9.31 -12.83 28.97
C SER B 261 9.16 -12.97 27.28
C SER B 261 9.40 -12.73 27.45
N LEU B 262 7.97 -13.00 26.68
N LEU B 262 8.27 -12.88 26.76
CA LEU B 262 7.83 -12.90 25.24
CA LEU B 262 8.25 -12.79 25.30
C LEU B 262 7.87 -11.46 24.74
C LEU B 262 8.13 -11.36 24.79
N LEU B 263 7.85 -10.46 25.64
N LEU B 263 7.83 -10.42 25.68
CA LEU B 263 7.72 -9.06 25.20
CA LEU B 263 7.68 -9.03 25.24
C LEU B 263 8.39 -8.07 26.14
C LEU B 263 8.38 -8.06 26.16
N GLU B 264 9.59 -8.42 26.59
CA GLU B 264 10.34 -7.54 27.50
C GLU B 264 10.61 -6.15 26.92
N ALA B 265 10.95 -6.06 25.64
CA ALA B 265 11.24 -4.76 25.05
C ALA B 265 10.01 -3.85 25.09
N VAL B 266 8.84 -4.44 24.84
CA VAL B 266 7.58 -3.70 24.87
C VAL B 266 7.24 -3.27 26.28
N LEU B 267 7.39 -4.18 27.24
CA LEU B 267 7.11 -3.85 28.63
C LEU B 267 8.00 -2.73 29.13
N ASP B 268 9.27 -2.75 28.73
N ASP B 268 9.27 -2.74 28.73
CA ASP B 268 10.19 -1.68 29.12
CA ASP B 268 10.20 -1.67 29.13
C ASP B 268 9.67 -0.34 28.59
C ASP B 268 9.78 -0.32 28.55
N LYS B 269 9.18 -0.33 27.35
CA LYS B 269 8.65 0.92 26.77
C LYS B 269 7.41 1.40 27.53
N PHE B 270 6.55 0.46 27.95
CA PHE B 270 5.40 0.88 28.77
C PHE B 270 5.84 1.49 30.10
N GLU B 271 6.88 0.93 30.72
CA GLU B 271 7.41 1.53 31.94
C GLU B 271 7.97 2.93 31.67
N GLU B 272 8.63 3.10 30.53
N GLU B 272 8.64 3.11 30.51
CA GLU B 272 9.17 4.42 30.16
CA GLU B 272 9.17 4.42 30.09
C GLU B 272 8.04 5.44 29.99
C GLU B 272 8.06 5.46 29.86
N MET B 273 6.86 4.99 29.56
CA MET B 273 5.70 5.87 29.44
C MET B 273 5.21 6.37 30.80
N GLY B 274 5.60 5.70 31.88
CA GLY B 274 5.14 6.05 33.22
C GLY B 274 4.14 5.07 33.79
N ALA B 275 3.86 3.97 33.08
CA ALA B 275 2.91 2.98 33.58
C ALA B 275 3.51 2.12 34.68
N GLU B 276 2.65 1.64 35.56
CA GLU B 276 3.03 0.67 36.57
C GLU B 276 2.74 -0.70 35.97
N VAL B 277 3.80 -1.48 35.73
N VAL B 277 3.81 -1.46 35.70
CA VAL B 277 3.68 -2.78 35.10
CA VAL B 277 3.69 -2.79 35.12
C VAL B 277 4.02 -3.87 36.12
C VAL B 277 4.00 -3.84 36.17
N THR B 278 2.98 -4.62 36.53
N THR B 278 3.23 -4.91 36.17
CA THR B 278 3.15 -5.74 37.43
CA THR B 278 3.44 -6.01 37.08
C THR B 278 2.99 -7.02 36.64
C THR B 278 3.55 -7.26 36.22
N ARG B 279 3.54 -8.10 37.17
N ARG B 279 4.69 -7.95 36.36
CA ARG B 279 3.56 -9.31 36.40
CA ARG B 279 4.95 -9.12 35.55
C ARG B 279 3.79 -10.54 37.23
C ARG B 279 4.80 -10.39 36.37
N GLY B 280 3.39 -11.65 36.66
N GLY B 280 3.86 -11.24 35.95
CA GLY B 280 3.63 -12.95 37.21
CA GLY B 280 3.63 -12.52 36.60
C GLY B 280 4.14 -13.80 36.07
C GLY B 280 4.06 -13.66 35.72
N ASP B 281 4.25 -15.09 36.32
N ASP B 281 4.26 -14.84 36.29
CA ASP B 281 4.81 -15.95 35.34
CA ASP B 281 4.72 -15.98 35.51
C ASP B 281 3.97 -16.02 34.07
C ASP B 281 3.95 -16.12 34.18
N ASP B 282 2.64 -15.91 34.22
CA ASP B 282 1.75 -16.04 33.07
C ASP B 282 0.69 -14.93 32.98
N TRP B 283 0.99 -13.77 33.54
CA TRP B 283 0.05 -12.65 33.47
C TRP B 283 0.81 -11.35 33.62
N ILE B 284 0.18 -10.27 33.15
CA ILE B 284 0.76 -8.95 33.23
C ILE B 284 -0.38 -7.98 33.52
N GLU B 285 -0.11 -6.95 34.30
CA GLU B 285 -1.07 -5.86 34.47
C GLU B 285 -0.35 -4.54 34.22
N LEU B 286 -1.00 -3.70 33.42
CA LEU B 286 -0.52 -2.34 33.19
C LEU B 286 -1.54 -1.41 33.82
N ASP B 287 -1.08 -0.54 34.73
CA ASP B 287 -1.94 0.50 35.30
C ASP B 287 -1.30 1.83 34.98
N MET B 288 -2.00 2.62 34.17
CA MET B 288 -1.51 3.92 33.72
C MET B 288 -1.85 5.02 34.73
N LEU B 289 -2.58 4.66 35.80
CA LEU B 289 -2.86 5.55 36.94
C LEU B 289 -3.57 6.86 36.59
N GLY B 290 -4.34 6.86 35.50
CA GLY B 290 -5.05 8.04 35.05
C GLY B 290 -4.14 9.11 34.46
N LYS B 291 -2.87 8.77 34.24
N LYS B 291 -2.86 8.79 34.25
CA LYS B 291 -1.88 9.70 33.71
CA LYS B 291 -1.91 9.77 33.72
C LYS B 291 -1.84 9.69 32.20
C LYS B 291 -1.77 9.68 32.22
N ARG B 292 -1.35 10.79 31.62
CA ARG B 292 -1.08 10.85 30.20
C ARG B 292 0.27 10.18 30.03
N PRO B 293 0.38 9.20 29.12
CA PRO B 293 1.68 8.56 28.96
C PRO B 293 2.75 9.50 28.38
N LYS B 294 4.01 9.27 28.73
N LYS B 294 4.00 9.28 28.75
CA LYS B 294 5.12 10.00 28.12
CA LYS B 294 5.12 9.98 28.12
C LYS B 294 5.38 9.33 26.78
C LYS B 294 5.34 9.32 26.76
N ALA B 295 5.57 10.12 25.73
CA ALA B 295 5.85 9.58 24.40
C ALA B 295 7.20 8.88 24.46
N VAL B 296 7.31 7.70 23.82
CA VAL B 296 8.53 6.90 23.84
C VAL B 296 8.99 6.56 22.43
N SER B 297 10.28 6.73 22.21
CA SER B 297 10.90 6.42 20.93
C SER B 297 11.20 4.92 20.82
N PHE B 298 11.25 4.41 19.60
CA PHE B 298 11.64 3.02 19.40
C PHE B 298 12.05 2.79 17.94
N ARG B 299 12.84 1.73 17.75
N ARG B 299 12.82 1.72 17.73
CA ARG B 299 13.29 1.27 16.44
CA ARG B 299 13.29 1.28 16.42
C ARG B 299 12.86 -0.19 16.35
C ARG B 299 12.97 -0.20 16.28
N THR B 300 12.11 -0.53 15.32
CA THR B 300 11.71 -1.93 15.17
C THR B 300 12.92 -2.74 14.69
N LEU B 301 13.11 -3.91 15.28
CA LEU B 301 14.23 -4.78 14.94
C LEU B 301 13.80 -6.22 15.22
N PRO B 302 14.56 -7.21 14.72
CA PRO B 302 14.17 -8.58 15.03
C PRO B 302 14.20 -8.90 16.53
N HIS B 303 13.39 -9.86 16.92
CA HIS B 303 13.31 -10.30 18.30
C HIS B 303 14.73 -10.66 18.77
N PRO B 304 15.10 -10.36 20.00
CA PRO B 304 14.27 -9.87 21.12
C PRO B 304 14.13 -8.36 21.26
N GLU B 305 14.44 -7.62 20.22
CA GLU B 305 14.26 -6.17 20.25
C GLU B 305 12.79 -5.81 19.97
N PHE B 306 12.50 -4.52 19.86
CA PHE B 306 11.14 -4.04 19.73
C PHE B 306 10.50 -4.57 18.44
N PRO B 307 9.32 -5.20 18.53
CA PRO B 307 8.76 -5.86 17.37
C PRO B 307 8.00 -4.93 16.42
N THR B 308 8.24 -5.11 15.13
CA THR B 308 7.48 -4.38 14.13
C THR B 308 5.97 -4.57 14.29
N ASP B 309 5.54 -5.75 14.75
CA ASP B 309 4.13 -5.99 14.88
C ASP B 309 3.44 -5.20 16.02
N MET B 310 4.22 -4.47 16.85
CA MET B 310 3.69 -3.53 17.83
C MET B 310 3.82 -2.05 17.43
N GLN B 311 4.46 -1.77 16.30
CA GLN B 311 4.76 -0.39 15.94
C GLN B 311 3.54 0.50 15.80
N ALA B 312 2.55 0.05 15.04
CA ALA B 312 1.40 0.93 14.79
C ALA B 312 0.65 1.24 16.08
N GLN B 313 0.56 0.25 16.95
CA GLN B 313 -0.16 0.40 18.20
C GLN B 313 0.52 1.39 19.13
N ILE B 314 1.83 1.26 19.29
CA ILE B 314 2.54 2.20 20.15
C ILE B 314 2.61 3.59 19.52
N MET B 315 2.61 3.68 18.18
CA MET B 315 2.51 4.99 17.54
C MET B 315 1.21 5.68 17.97
N ALA B 316 0.10 4.93 18.00
CA ALA B 316 -1.17 5.52 18.43
C ALA B 316 -1.11 6.02 19.86
N VAL B 317 -0.50 5.25 20.76
CA VAL B 317 -0.37 5.71 22.14
C VAL B 317 0.45 7.00 22.17
N ASN B 318 1.58 7.00 21.44
CA ASN B 318 2.43 8.19 21.38
C ASN B 318 1.71 9.41 20.86
N ALA B 319 0.71 9.21 20.00
CA ALA B 319 -0.02 10.34 19.43
C ALA B 319 -0.67 11.23 20.46
N ILE B 320 -0.99 10.68 21.63
CA ILE B 320 -1.56 11.48 22.72
C ILE B 320 -0.60 11.63 23.92
N GLY B 321 0.61 11.13 23.72
N GLY B 321 0.68 11.28 23.77
CA GLY B 321 1.58 11.16 24.75
CA GLY B 321 1.63 11.36 24.90
C GLY B 321 2.15 12.54 24.96
C GLY B 321 2.33 12.70 25.12
N ARG B 322 2.87 12.67 26.08
N ARG B 322 3.12 12.86 26.20
CA ARG B 322 3.57 13.90 26.44
CA ARG B 322 3.86 14.10 26.34
C ARG B 322 4.90 13.99 25.73
C ARG B 322 5.24 13.95 25.74
N GLY B 323 5.23 15.19 25.27
N GLY B 323 5.49 14.73 24.69
CA GLY B 323 6.48 15.42 24.57
CA GLY B 323 6.80 14.75 24.05
C GLY B 323 6.43 14.87 23.15
C GLY B 323 6.89 14.19 22.65
N PHE B 324 7.61 14.50 22.64
N PHE B 324 8.12 14.09 22.16
CA PHE B 324 7.72 13.96 21.29
CA PHE B 324 8.44 13.56 20.85
C PHE B 324 8.65 12.75 21.27
C PHE B 324 8.73 12.08 20.95
N ALA B 325 8.48 11.92 20.25
N ALA B 325 8.23 11.31 20.00
CA ALA B 325 9.17 10.66 20.13
CA ALA B 325 8.61 9.92 19.89
C ALA B 325 9.53 10.33 18.68
C ALA B 325 9.16 9.76 18.51
N THR B 326 10.61 9.56 18.53
N THR B 326 10.38 9.32 18.40
CA THR B 326 11.21 9.13 17.26
CA THR B 326 10.85 9.05 17.08
C THR B 326 10.90 7.66 17.00
C THR B 326 10.80 7.54 16.89
N ILE B 327 10.50 7.33 15.77
N ILE B 327 9.97 7.16 15.91
CA ILE B 327 10.19 5.97 15.41
CA ILE B 327 9.73 5.77 15.55
C ILE B 327 10.89 5.61 14.12
C ILE B 327 10.36 5.45 14.20
N SER B 328 11.55 4.46 14.15
N SER B 328 11.17 4.39 14.13
CA SER B 328 12.21 3.95 12.98
CA SER B 328 11.71 3.97 12.82
C SER B 328 11.74 2.54 12.76
C SER B 328 11.33 2.51 12.54
N GLU B 329 11.17 2.32 11.58
N GLU B 329 10.92 2.24 11.30
CA GLU B 329 10.63 1.01 11.16
CA GLU B 329 10.52 0.90 10.90
C GLU B 329 11.57 0.37 10.13
C GLU B 329 11.63 0.35 10.05
N THR B 330 12.29 -0.69 10.53
CA THR B 330 13.34 -1.32 9.70
C THR B 330 12.98 -2.62 9.03
N ILE B 331 11.80 -3.17 9.35
N ILE B 331 11.81 -3.19 9.34
CA ILE B 331 11.45 -4.51 8.92
CA ILE B 331 11.45 -4.49 8.81
C ILE B 331 10.59 -4.56 7.66
C ILE B 331 10.69 -4.36 7.49
N PHE B 332 9.71 -3.56 7.52
N PHE B 332 9.56 -3.67 7.54
CA PHE B 332 8.77 -3.46 6.40
CA PHE B 332 8.71 -3.52 6.36
C PHE B 332 8.92 -2.13 5.71
C PHE B 332 8.91 -2.17 5.70
N GLU B 333 8.60 -2.10 4.41
CA GLU B 333 8.79 -0.92 3.58
C GLU B 333 7.62 0.04 3.51
N ASN B 334 6.43 -0.45 3.87
CA ASN B 334 5.20 0.32 3.72
C ASN B 334 4.30 0.15 4.92
N ARG B 335 4.90 0.28 6.11
CA ARG B 335 4.16 0.06 7.35
C ARG B 335 3.87 1.36 8.11
N PHE B 336 3.61 2.43 7.37
CA PHE B 336 3.13 3.68 7.95
C PHE B 336 1.76 4.06 7.35
N MET B 337 1.00 3.08 6.86
CA MET B 337 -0.27 3.40 6.23
C MET B 337 -1.31 3.96 7.20
N HIS B 338 -1.14 3.67 8.49
CA HIS B 338 -2.00 4.23 9.52
C HIS B 338 -1.72 5.71 9.77
N VAL B 339 -0.55 6.22 9.35
CA VAL B 339 -0.20 7.61 9.68
C VAL B 339 -1.21 8.63 9.15
N PRO B 340 -1.57 8.57 7.85
CA PRO B 340 -2.54 9.56 7.37
C PRO B 340 -3.90 9.44 8.05
N GLU B 341 -4.26 8.24 8.51
CA GLU B 341 -5.55 8.05 9.18
C GLU B 341 -5.49 8.64 10.59
N LEU B 342 -4.41 8.36 11.32
CA LEU B 342 -4.21 9.00 12.63
C LEU B 342 -4.18 10.52 12.50
N SER B 343 -3.58 11.03 11.41
CA SER B 343 -3.57 12.47 11.18
C SER B 343 -4.98 13.02 10.98
N ARG B 344 -5.87 12.26 10.36
CA ARG B 344 -7.28 12.68 10.22
C ARG B 344 -7.95 12.87 11.59
N MET B 345 -7.47 12.14 12.59
N MET B 345 -7.50 12.10 12.57
CA MET B 345 -8.02 12.22 13.95
CA MET B 345 -8.02 12.17 13.95
C MET B 345 -7.32 13.26 14.81
C MET B 345 -7.42 13.33 14.76
N GLY B 346 -6.41 14.01 14.20
CA GLY B 346 -5.73 15.10 14.89
C GLY B 346 -4.30 14.83 15.32
N ALA B 347 -3.75 13.65 15.02
CA ALA B 347 -2.39 13.37 15.43
C ALA B 347 -1.42 14.26 14.66
N ASN B 348 -0.26 14.50 15.28
CA ASN B 348 0.83 15.27 14.69
C ASN B 348 2.00 14.33 14.47
N ILE B 349 2.09 13.78 13.26
CA ILE B 349 3.11 12.79 12.92
C ILE B 349 3.76 13.25 11.63
N GLN B 350 5.09 13.25 11.61
CA GLN B 350 5.85 13.69 10.45
C GLN B 350 6.73 12.53 10.00
N VAL B 351 6.66 12.17 8.73
CA VAL B 351 7.35 11.03 8.20
C VAL B 351 8.36 11.40 7.13
N GLU B 352 9.50 10.73 7.13
N GLU B 352 9.47 10.67 7.15
CA GLU B 352 10.42 10.83 6.00
CA GLU B 352 10.50 10.75 6.15
C GLU B 352 10.97 9.43 5.78
C GLU B 352 11.18 9.38 6.17
N GLY B 353 10.47 8.76 4.75
N GLY B 353 11.04 8.63 5.09
CA GLY B 353 10.88 7.38 4.47
CA GLY B 353 11.62 7.29 5.02
C GLY B 353 10.43 6.48 5.60
C GLY B 353 11.14 6.35 6.11
N HIS B 354 11.39 5.78 6.21
N HIS B 354 12.09 5.82 6.89
CA HIS B 354 11.10 4.84 7.27
CA HIS B 354 11.76 4.88 7.95
C HIS B 354 11.25 5.41 8.67
C HIS B 354 11.40 5.58 9.27
N ASP B 355 11.43 6.73 8.74
N ASP B 355 11.50 6.91 9.29
CA ASP B 355 11.54 7.46 9.99
CA ASP B 355 11.24 7.63 10.53
C ASP B 355 10.30 8.30 10.20
C ASP B 355 9.89 8.34 10.55
N ALA B 356 9.74 8.26 11.41
N ALA B 356 9.25 8.28 11.71
CA ALA B 356 8.61 9.08 11.78
CA ALA B 356 8.00 8.98 11.98
C ALA B 356 8.89 9.77 13.10
C ALA B 356 8.22 9.70 13.30
N VAL B 357 8.32 10.97 13.26
N VAL B 357 8.27 11.02 13.29
CA VAL B 357 8.41 11.71 14.51
CA VAL B 357 8.43 11.76 14.54
C VAL B 357 6.99 12.07 14.93
C VAL B 357 7.05 12.18 15.01
N VAL B 358 6.62 11.60 16.13
CA VAL B 358 5.30 11.87 16.68
C VAL B 358 5.45 12.95 17.73
N THR B 359 4.67 14.02 17.57
CA THR B 359 4.60 15.07 18.57
C THR B 359 3.24 14.88 19.26
N GLY B 360 3.26 14.47 20.52
CA GLY B 360 2.00 14.17 21.16
C GLY B 360 1.07 15.35 21.30
N VAL B 361 -0.23 15.11 21.11
CA VAL B 361 -1.26 16.14 21.30
C VAL B 361 -2.12 15.76 22.50
N GLU B 362 -2.74 16.76 23.12
N GLU B 362 -2.74 16.73 23.17
CA GLU B 362 -3.58 16.55 24.29
CA GLU B 362 -3.55 16.40 24.35
C GLU B 362 -4.76 15.64 24.00
C GLU B 362 -4.82 15.62 24.03
N LYS B 363 -5.44 15.92 22.89
CA LYS B 363 -6.65 15.18 22.49
C LYS B 363 -6.75 14.89 21.00
N LEU B 364 -7.27 13.71 20.68
CA LEU B 364 -7.66 13.38 19.30
C LEU B 364 -9.15 13.67 19.18
N GLN B 365 -9.61 13.90 17.94
CA GLN B 365 -11.02 14.12 17.65
C GLN B 365 -11.50 13.02 16.71
N ALA B 366 -12.69 12.51 16.97
CA ALA B 366 -13.27 11.49 16.14
C ALA B 366 -13.45 11.96 14.70
N ALA B 367 -13.13 11.09 13.76
CA ALA B 367 -13.29 11.34 12.34
C ALA B 367 -13.35 9.99 11.66
N PRO B 368 -14.03 9.88 10.51
CA PRO B 368 -14.05 8.57 9.86
C PRO B 368 -12.68 8.25 9.28
N VAL B 369 -12.26 7.00 9.48
CA VAL B 369 -10.94 6.54 9.07
C VAL B 369 -11.07 5.16 8.44
N MET B 370 -10.00 4.72 7.80
N MET B 370 -9.98 4.76 7.80
CA MET B 370 -10.02 3.44 7.10
CA MET B 370 -9.87 3.53 7.02
C MET B 370 -8.80 2.62 7.46
C MET B 370 -8.74 2.64 7.52
N ALA B 371 -9.05 1.41 7.93
CA ALA B 371 -8.00 0.46 8.25
C ALA B 371 -7.37 -0.04 6.95
N THR B 372 -6.06 -0.26 6.99
CA THR B 372 -5.27 -0.63 5.81
C THR B 372 -4.59 -2.00 5.92
N ASP B 373 -4.51 -2.53 7.13
CA ASP B 373 -3.78 -3.76 7.39
C ASP B 373 -4.09 -4.15 8.84
N LEU B 374 -3.64 -5.34 9.23
CA LEU B 374 -3.96 -5.89 10.54
C LEU B 374 -3.60 -4.96 11.72
N ARG B 375 -2.34 -4.62 11.89
CA ARG B 375 -1.98 -3.85 13.08
C ARG B 375 -2.44 -2.40 12.97
N ALA B 376 -2.53 -1.86 11.76
CA ALA B 376 -3.10 -0.53 11.58
C ALA B 376 -4.53 -0.50 12.10
N SER B 377 -5.29 -1.57 11.89
N SER B 377 -5.29 -1.57 11.87
CA SER B 377 -6.67 -1.56 12.33
CA SER B 377 -6.67 -1.63 12.36
C SER B 377 -6.73 -1.44 13.86
C SER B 377 -6.70 -1.40 13.86
N PHE B 378 -5.84 -2.12 14.57
CA PHE B 378 -5.82 -2.03 16.03
C PHE B 378 -5.31 -0.64 16.48
N SER B 379 -4.36 -0.08 15.74
CA SER B 379 -3.88 1.28 16.02
C SER B 379 -5.06 2.28 15.95
N LEU B 380 -5.90 2.14 14.93
CA LEU B 380 -7.05 3.05 14.80
C LEU B 380 -8.08 2.80 15.89
N VAL B 381 -8.25 1.54 16.31
CA VAL B 381 -9.13 1.26 17.44
C VAL B 381 -8.61 1.97 18.69
N LEU B 382 -7.31 1.87 18.95
CA LEU B 382 -6.71 2.58 20.10
C LEU B 382 -6.97 4.09 20.02
N ALA B 383 -6.73 4.67 18.86
CA ALA B 383 -6.97 6.10 18.68
C ALA B 383 -8.44 6.44 18.93
N ALA B 384 -9.35 5.62 18.41
CA ALA B 384 -10.78 5.85 18.59
C ALA B 384 -11.19 5.75 20.06
N LEU B 385 -10.53 4.87 20.81
CA LEU B 385 -10.84 4.70 22.22
C LEU B 385 -10.50 5.92 23.05
N VAL B 386 -9.52 6.72 22.61
CA VAL B 386 -9.13 7.91 23.38
C VAL B 386 -9.69 9.20 22.78
N ALA B 387 -10.10 9.16 21.51
CA ALA B 387 -10.60 10.36 20.82
C ALA B 387 -11.91 10.86 21.40
N GLU B 388 -12.13 12.16 21.23
CA GLU B 388 -13.36 12.79 21.66
C GLU B 388 -14.39 12.60 20.55
N GLY B 389 -15.47 11.89 20.86
CA GLY B 389 -16.55 11.67 19.93
C GLY B 389 -16.67 10.25 19.41
N ASP B 390 -17.42 10.12 18.31
CA ASP B 390 -17.78 8.82 17.73
C ASP B 390 -17.04 8.61 16.41
N THR B 391 -16.08 7.67 16.44
CA THR B 391 -15.29 7.33 15.27
C THR B 391 -15.88 6.12 14.54
N LEU B 392 -15.95 6.23 13.21
N LEU B 392 -15.95 6.20 13.21
CA LEU B 392 -16.30 5.10 12.38
CA LEU B 392 -16.39 5.06 12.39
C LEU B 392 -15.02 4.64 11.71
C LEU B 392 -15.16 4.58 11.59
N ILE B 393 -14.69 3.36 11.89
CA ILE B 393 -13.51 2.77 11.24
C ILE B 393 -13.99 1.83 10.17
N ASP B 394 -13.65 2.14 8.93
N ASP B 394 -13.72 2.16 8.92
CA ASP B 394 -14.02 1.32 7.80
CA ASP B 394 -14.14 1.29 7.82
C ASP B 394 -12.94 0.27 7.54
C ASP B 394 -13.06 0.27 7.49
N ARG B 395 -13.32 -0.77 6.79
N ARG B 395 -13.50 -0.79 6.82
CA ARG B 395 -12.43 -1.86 6.40
CA ARG B 395 -12.61 -1.85 6.39
C ARG B 395 -11.85 -2.55 7.63
C ARG B 395 -11.90 -2.49 7.59
N ILE B 396 -12.64 -2.68 8.68
CA ILE B 396 -12.13 -3.29 9.91
C ILE B 396 -11.86 -4.78 9.77
N TYR B 397 -12.28 -5.41 8.66
N TYR B 397 -12.28 -5.43 8.70
CA TYR B 397 -12.04 -6.84 8.41
CA TYR B 397 -12.07 -6.87 8.58
C TYR B 397 -10.60 -7.24 8.64
C TYR B 397 -10.59 -7.27 8.62
N HIS B 398 -9.67 -6.32 8.37
CA HIS B 398 -8.24 -6.61 8.58
C HIS B 398 -7.96 -7.09 10.00
N ILE B 399 -8.70 -6.58 10.98
CA ILE B 399 -8.45 -6.90 12.38
C ILE B 399 -8.70 -8.38 12.66
N ASP B 400 -9.59 -8.99 11.88
CA ASP B 400 -9.98 -10.38 12.08
C ASP B 400 -8.90 -11.36 11.63
N ARG B 401 -7.85 -10.87 11.01
CA ARG B 401 -6.71 -11.70 10.68
C ARG B 401 -5.88 -12.07 11.91
N GLY B 402 -5.92 -11.22 12.94
CA GLY B 402 -5.05 -11.37 14.10
C GLY B 402 -5.60 -11.20 15.50
N TYR B 403 -6.85 -10.73 15.66
N TYR B 403 -6.86 -10.80 15.60
CA TYR B 403 -7.45 -10.49 17.00
CA TYR B 403 -7.49 -10.64 16.87
C TYR B 403 -8.81 -11.17 17.15
C TYR B 403 -8.75 -11.44 16.85
N GLU B 404 -8.87 -12.38 17.73
N GLU B 404 -8.86 -12.28 17.88
CA GLU B 404 -10.19 -13.00 17.85
CA GLU B 404 -10.01 -13.11 18.10
C GLU B 404 -11.00 -12.30 18.93
C GLU B 404 -10.98 -12.35 19.00
N HIS B 405 -12.31 -12.30 18.72
N HIS B 405 -12.25 -12.33 18.62
CA HIS B 405 -13.25 -11.75 19.71
CA HIS B 405 -13.32 -11.72 19.45
C HIS B 405 -12.85 -10.35 20.14
C HIS B 405 -12.92 -10.38 20.05
N VAL B 406 -12.38 -9.52 19.20
CA VAL B 406 -11.85 -8.23 19.62
C VAL B 406 -12.90 -7.33 20.26
N GLU B 407 -14.09 -7.24 19.65
CA GLU B 407 -15.17 -6.42 20.24
C GLU B 407 -15.50 -6.88 21.65
N GLU B 408 -15.65 -8.18 21.81
N GLU B 408 -15.65 -8.19 21.83
CA GLU B 408 -16.00 -8.74 23.11
CA GLU B 408 -15.99 -8.78 23.13
C GLU B 408 -14.91 -8.48 24.15
C GLU B 408 -14.91 -8.51 24.17
N LYS B 409 -13.66 -8.67 23.77
CA LYS B 409 -12.56 -8.46 24.70
C LYS B 409 -12.50 -6.98 25.14
N LEU B 410 -12.66 -6.06 24.19
CA LEU B 410 -12.66 -4.65 24.54
C LEU B 410 -13.90 -4.25 25.34
N GLN B 411 -15.07 -4.78 24.98
CA GLN B 411 -16.29 -4.49 25.74
C GLN B 411 -16.13 -4.89 27.20
N GLY B 412 -15.42 -5.99 27.44
CA GLY B 412 -15.17 -6.46 28.80
C GLY B 412 -14.33 -5.50 29.62
N LEU B 413 -13.65 -4.56 28.96
CA LEU B 413 -12.86 -3.53 29.62
C LEU B 413 -13.62 -2.21 29.77
N GLY B 414 -14.87 -2.18 29.31
CA GLY B 414 -15.70 -0.98 29.35
C GLY B 414 -15.77 -0.19 28.05
N ALA B 415 -15.14 -0.69 26.98
CA ALA B 415 -15.13 0.04 25.72
C ALA B 415 -16.52 0.18 25.10
N LYS B 416 -16.77 1.35 24.52
CA LYS B 416 -18.00 1.62 23.80
C LYS B 416 -17.65 1.33 22.34
N ILE B 417 -17.84 0.08 21.94
CA ILE B 417 -17.46 -0.39 20.62
C ILE B 417 -18.54 -1.32 20.10
N LYS B 418 -18.88 -1.11 18.84
CA LYS B 418 -19.89 -1.90 18.15
C LYS B 418 -19.40 -2.24 16.76
N ARG B 419 -19.56 -3.49 16.34
CA ARG B 419 -19.32 -3.88 14.97
C ARG B 419 -20.63 -3.79 14.20
N VAL B 420 -20.60 -3.12 13.05
CA VAL B 420 -21.74 -3.15 12.12
C VAL B 420 -21.31 -3.98 10.91
N SER B 421 -22.09 -5.00 10.58
CA SER B 421 -21.74 -5.90 9.50
C SER B 421 -22.93 -6.67 8.97
NA NA C . 7.87 2.42 1.02
NA NA D . -2.02 13.13 -10.58
NA NA E . 1.63 15.22 9.58
NA NA E . 0.89 16.22 8.28
NA NA F . -8.40 6.82 -1.05
NA NA G . -6.96 21.27 15.12
NA NA H . -15.81 36.42 -22.30
C FMT I . -0.84 9.23 -12.21
O1 FMT I . -0.27 8.17 -12.50
O2 FMT I . -1.70 9.82 -13.00
C FMT J . 1.00 15.78 -13.20
O1 FMT J . 0.03 15.59 -12.45
O2 FMT J . 2.07 14.98 -13.17
C1 0V5 K . -2.10 8.84 -5.94
O1 0V5 K . -2.31 7.77 -6.57
O2' 0V5 K . -1.43 9.77 -6.46
C2 0V5 K . -2.60 8.97 -4.51
C3 0V5 K . -2.70 10.43 -4.07
O2 0V5 K . -3.87 8.28 -4.28
P 0V5 K . -5.39 8.76 -4.64
O1P 0V5 K . -6.08 7.42 -4.74
O2P 0V5 K . -5.37 9.52 -5.92
O3P 0V5 K . -5.95 9.59 -3.52
NA NA L . 3.48 -12.96 10.53
NA NA M . 12.68 -10.86 -7.77
NA NA M . 12.34 -12.25 -6.62
NA NA N . 11.12 -20.21 -14.74
NA NA N . 11.71 -19.58 -13.69
C FMT O . 1.69 -9.25 12.09
O1 FMT O . 1.44 -8.10 12.41
O2 FMT O . 1.17 -10.29 12.66
C FMT P . 6.66 -13.55 14.06
O1 FMT P . 6.00 -13.90 13.07
O2 FMT P . 7.02 -12.26 14.26
C1 0V5 Q . 2.12 -9.15 5.69
O1 0V5 Q . 3.05 -9.53 6.44
O2' 0V5 Q . 1.17 -8.46 6.14
C2 0V5 Q . 2.18 -9.43 4.19
C3 0V5 Q . 3.07 -10.64 3.88
O2 0V5 Q . 0.87 -9.59 3.58
P 0V5 Q . -0.14 -10.88 3.57
O1P 0V5 Q . -0.01 -11.58 4.87
O2P 0V5 Q . 0.21 -11.80 2.42
O3P 0V5 Q . -1.47 -10.20 3.37
#